data_2PPX
# 
_entry.id   2PPX 
# 
_audit_conform.dict_name       mmcif_pdbx.dic 
_audit_conform.dict_version    5.399 
_audit_conform.dict_location   http://mmcif.pdb.org/dictionaries/ascii/mmcif_pdbx.dic 
# 
loop_
_database_2.database_id 
_database_2.database_code 
_database_2.pdbx_database_accession 
_database_2.pdbx_DOI 
PDB   2PPX         pdb_00002ppx 10.2210/pdb2ppx/pdb 
RCSB  RCSB042654   ?            ?                   
WWPDB D_1000042654 ?            ?                   
# 
loop_
_pdbx_audit_revision_history.ordinal 
_pdbx_audit_revision_history.data_content_type 
_pdbx_audit_revision_history.major_revision 
_pdbx_audit_revision_history.minor_revision 
_pdbx_audit_revision_history.revision_date 
1 'Structure model' 1 0 2007-05-29 
2 'Structure model' 1 1 2008-05-01 
3 'Structure model' 1 2 2011-07-13 
4 'Structure model' 1 3 2024-11-20 
# 
_pdbx_audit_revision_details.ordinal             1 
_pdbx_audit_revision_details.revision_ordinal    1 
_pdbx_audit_revision_details.data_content_type   'Structure model' 
_pdbx_audit_revision_details.provider            repository 
_pdbx_audit_revision_details.type                'Initial release' 
_pdbx_audit_revision_details.description         ? 
_pdbx_audit_revision_details.details             ? 
# 
loop_
_pdbx_audit_revision_group.ordinal 
_pdbx_audit_revision_group.revision_ordinal 
_pdbx_audit_revision_group.data_content_type 
_pdbx_audit_revision_group.group 
1 2 'Structure model' 'Version format compliance' 
2 3 'Structure model' Advisory                    
3 3 'Structure model' 'Derived calculations'      
4 3 'Structure model' 'Source and taxonomy'       
5 3 'Structure model' 'Version format compliance' 
6 4 'Structure model' 'Data collection'           
7 4 'Structure model' 'Database references'       
8 4 'Structure model' 'Derived calculations'      
9 4 'Structure model' 'Structure summary'         
# 
loop_
_pdbx_audit_revision_category.ordinal 
_pdbx_audit_revision_category.revision_ordinal 
_pdbx_audit_revision_category.data_content_type 
_pdbx_audit_revision_category.category 
1 4 'Structure model' chem_comp_atom            
2 4 'Structure model' chem_comp_bond            
3 4 'Structure model' database_2                
4 4 'Structure model' pdbx_entry_details        
5 4 'Structure model' pdbx_modification_feature 
6 4 'Structure model' struct_conn               
7 4 'Structure model' struct_ref_seq_dif        
8 4 'Structure model' struct_site               
# 
loop_
_pdbx_audit_revision_item.ordinal 
_pdbx_audit_revision_item.revision_ordinal 
_pdbx_audit_revision_item.data_content_type 
_pdbx_audit_revision_item.item 
1 4 'Structure model' '_database_2.pdbx_DOI'                
2 4 'Structure model' '_database_2.pdbx_database_accession' 
3 4 'Structure model' '_struct_conn.pdbx_leaving_atom_flag' 
4 4 'Structure model' '_struct_ref_seq_dif.details'         
5 4 'Structure model' '_struct_site.pdbx_auth_asym_id'      
6 4 'Structure model' '_struct_site.pdbx_auth_comp_id'      
7 4 'Structure model' '_struct_site.pdbx_auth_seq_id'       
# 
_pdbx_database_status.status_code                     REL 
_pdbx_database_status.entry_id                        2PPX 
_pdbx_database_status.recvd_initial_deposition_date   2007-04-30 
_pdbx_database_status.deposit_site                    RCSB 
_pdbx_database_status.process_site                    RCSB 
_pdbx_database_status.status_code_sf                  REL 
_pdbx_database_status.status_code_mr                  ? 
_pdbx_database_status.SG_entry                        Y 
_pdbx_database_status.pdb_format_compatible           Y 
_pdbx_database_status.status_code_cs                  ? 
_pdbx_database_status.status_code_nmr_data            ? 
_pdbx_database_status.methods_development_category    ? 
# 
_pdbx_database_related.db_name        TargetDB 
_pdbx_database_related.db_id          APC6027 
_pdbx_database_related.details        . 
_pdbx_database_related.content_type   unspecified 
# 
loop_
_audit_author.name 
_audit_author.pdbx_ordinal 
'Cuff, M.E.'                                    1 
'Skarina, T.'                                   2 
'Onopriyenko, O.'                               3 
'Edwards, A.'                                   4 
'Savchenko, A.'                                 5 
'Joachimiak, A.'                                6 
'Midwest Center for Structural Genomics (MCSG)' 7 
# 
_citation.id                        primary 
_citation.title                     'Structure of a HTH XRE-family like protein from Agrobacterium tumefaciens.' 
_citation.journal_abbrev            'TO BE PUBLISHED' 
_citation.journal_volume            ? 
_citation.page_first                ? 
_citation.page_last                 ? 
_citation.year                      ? 
_citation.journal_id_ASTM           ? 
_citation.country                   ? 
_citation.journal_id_ISSN           ? 
_citation.journal_id_CSD            0353 
_citation.book_publisher            ? 
_citation.pdbx_database_id_PubMed   ? 
_citation.pdbx_database_id_DOI      ? 
# 
loop_
_citation_author.citation_id 
_citation_author.name 
_citation_author.ordinal 
_citation_author.identifier_ORCID 
primary 'Cuff, M.E.'      1 ? 
primary 'Skarina, T.'     2 ? 
primary 'Onopriyenko, O.' 3 ? 
primary 'Edwards, A.'     4 ? 
primary 'Savchenko, A.'   5 ? 
primary 'Joachimiak, A.'  6 ? 
# 
loop_
_entity.id 
_entity.type 
_entity.src_method 
_entity.pdbx_description 
_entity.formula_weight 
_entity.pdbx_number_of_molecules 
_entity.pdbx_ec 
_entity.pdbx_mutation 
_entity.pdbx_fragment 
_entity.details 
1 polymer     man 'Uncharacterized protein Atu1735' 10927.922 1  ? ? ? ? 
2 non-polymer syn 'SULFATE ION'                     96.063    6  ? ? ? ? 
3 non-polymer syn GLYCEROL                          92.094    2  ? ? ? ? 
4 water       nat water                             18.015    68 ? ? ? ? 
# 
_entity_name_com.entity_id   1 
_entity_name_com.name        AGR_C_3184p 
# 
_entity_poly.entity_id                      1 
_entity_poly.type                           'polypeptide(L)' 
_entity_poly.nstd_linkage                   no 
_entity_poly.nstd_monomer                   yes 
_entity_poly.pdbx_seq_one_letter_code       
;GH(MSE)TDEDSEANALADPDNPPLSAEQLASAPR(MSE)PRIKIIRRALKLTQEEFSARYHIPLGTLRDWEQGRSEPDQ
PARAYLKIIAVDPEGTAAALRKGATGS
;
_entity_poly.pdbx_seq_one_letter_code_can   
;GHMTDEDSEANALADPDNPPLSAEQLASAPRMPRIKIIRRALKLTQEEFSARYHIPLGTLRDWEQGRSEPDQPARAYLKI
IAVDPEGTAAALRKGATGS
;
_entity_poly.pdbx_strand_id                 A 
_entity_poly.pdbx_target_identifier         APC6027 
# 
loop_
_pdbx_entity_nonpoly.entity_id 
_pdbx_entity_nonpoly.name 
_pdbx_entity_nonpoly.comp_id 
2 'SULFATE ION' SO4 
3 GLYCEROL      GOL 
4 water         HOH 
# 
loop_
_entity_poly_seq.entity_id 
_entity_poly_seq.num 
_entity_poly_seq.mon_id 
_entity_poly_seq.hetero 
1 1  GLY n 
1 2  HIS n 
1 3  MSE n 
1 4  THR n 
1 5  ASP n 
1 6  GLU n 
1 7  ASP n 
1 8  SER n 
1 9  GLU n 
1 10 ALA n 
1 11 ASN n 
1 12 ALA n 
1 13 LEU n 
1 14 ALA n 
1 15 ASP n 
1 16 PRO n 
1 17 ASP n 
1 18 ASN n 
1 19 PRO n 
1 20 PRO n 
1 21 LEU n 
1 22 SER n 
1 23 ALA n 
1 24 GLU n 
1 25 GLN n 
1 26 LEU n 
1 27 ALA n 
1 28 SER n 
1 29 ALA n 
1 30 PRO n 
1 31 ARG n 
1 32 MSE n 
1 33 PRO n 
1 34 ARG n 
1 35 ILE n 
1 36 LYS n 
1 37 ILE n 
1 38 ILE n 
1 39 ARG n 
1 40 ARG n 
1 41 ALA n 
1 42 LEU n 
1 43 LYS n 
1 44 LEU n 
1 45 THR n 
1 46 GLN n 
1 47 GLU n 
1 48 GLU n 
1 49 PHE n 
1 50 SER n 
1 51 ALA n 
1 52 ARG n 
1 53 TYR n 
1 54 HIS n 
1 55 ILE n 
1 56 PRO n 
1 57 LEU n 
1 58 GLY n 
1 59 THR n 
1 60 LEU n 
1 61 ARG n 
1 62 ASP n 
1 63 TRP n 
1 64 GLU n 
1 65 GLN n 
1 66 GLY n 
1 67 ARG n 
1 68 SER n 
1 69 GLU n 
1 70 PRO n 
1 71 ASP n 
1 72 GLN n 
1 73 PRO n 
1 74 ALA n 
1 75 ARG n 
1 76 ALA n 
1 77 TYR n 
1 78 LEU n 
1 79 LYS n 
1 80 ILE n 
1 81 ILE n 
1 82 ALA n 
1 83 VAL n 
1 84 ASP n 
1 85 PRO n 
1 86 GLU n 
1 87 GLY n 
1 88 THR n 
1 89 ALA n 
1 90 ALA n 
1 91 ALA n 
1 92 LEU n 
1 93 ARG n 
1 94 LYS n 
1 95 GLY n 
1 96 ALA n 
1 97 THR n 
1 98 GLY n 
1 99 SER n 
# 
_entity_src_gen.entity_id                          1 
_entity_src_gen.pdbx_src_id                        1 
_entity_src_gen.pdbx_alt_source_flag               sample 
_entity_src_gen.pdbx_seq_type                      ? 
_entity_src_gen.pdbx_beg_seq_num                   ? 
_entity_src_gen.pdbx_end_seq_num                   ? 
_entity_src_gen.gene_src_common_name               ? 
_entity_src_gen.gene_src_genus                     Agrobacterium 
_entity_src_gen.pdbx_gene_src_gene                 'Atu1735, AGR_C_3184' 
_entity_src_gen.gene_src_species                   'Agrobacterium tumefaciens' 
_entity_src_gen.gene_src_strain                    C58 
_entity_src_gen.gene_src_tissue                    ? 
_entity_src_gen.gene_src_tissue_fraction           ? 
_entity_src_gen.gene_src_details                   ? 
_entity_src_gen.pdbx_gene_src_fragment             ? 
_entity_src_gen.pdbx_gene_src_scientific_name      'Agrobacterium tumefaciens str.' 
_entity_src_gen.pdbx_gene_src_ncbi_taxonomy_id     176299 
_entity_src_gen.pdbx_gene_src_variant              ? 
_entity_src_gen.pdbx_gene_src_cell_line            ? 
_entity_src_gen.pdbx_gene_src_atcc                 33970 
_entity_src_gen.pdbx_gene_src_organ                ? 
_entity_src_gen.pdbx_gene_src_organelle            ? 
_entity_src_gen.pdbx_gene_src_cell                 ? 
_entity_src_gen.pdbx_gene_src_cellular_location    ? 
_entity_src_gen.host_org_common_name               ? 
_entity_src_gen.pdbx_host_org_scientific_name      'Escherichia coli' 
_entity_src_gen.pdbx_host_org_ncbi_taxonomy_id     562 
_entity_src_gen.host_org_genus                     Escherichia 
_entity_src_gen.pdbx_host_org_gene                 ? 
_entity_src_gen.pdbx_host_org_organ                ? 
_entity_src_gen.host_org_species                   ? 
_entity_src_gen.pdbx_host_org_tissue               ? 
_entity_src_gen.pdbx_host_org_tissue_fraction      ? 
_entity_src_gen.pdbx_host_org_strain               'modified BL21(DE3)' 
_entity_src_gen.pdbx_host_org_variant              ? 
_entity_src_gen.pdbx_host_org_cell_line            ? 
_entity_src_gen.pdbx_host_org_atcc                 ? 
_entity_src_gen.pdbx_host_org_culture_collection   ? 
_entity_src_gen.pdbx_host_org_cell                 ? 
_entity_src_gen.pdbx_host_org_organelle            ? 
_entity_src_gen.pdbx_host_org_cellular_location    ? 
_entity_src_gen.pdbx_host_org_vector_type          Plasmid 
_entity_src_gen.pdbx_host_org_vector               ? 
_entity_src_gen.host_org_details                   ? 
_entity_src_gen.expression_system_id               ? 
_entity_src_gen.plasmid_name                       'modified p11' 
_entity_src_gen.plasmid_details                    ? 
_entity_src_gen.pdbx_description                   ? 
# 
loop_
_chem_comp.id 
_chem_comp.type 
_chem_comp.mon_nstd_flag 
_chem_comp.name 
_chem_comp.pdbx_synonyms 
_chem_comp.formula 
_chem_comp.formula_weight 
ALA 'L-peptide linking' y ALANINE          ?                               'C3 H7 N O2'     89.093  
ARG 'L-peptide linking' y ARGININE         ?                               'C6 H15 N4 O2 1' 175.209 
ASN 'L-peptide linking' y ASPARAGINE       ?                               'C4 H8 N2 O3'    132.118 
ASP 'L-peptide linking' y 'ASPARTIC ACID'  ?                               'C4 H7 N O4'     133.103 
GLN 'L-peptide linking' y GLUTAMINE        ?                               'C5 H10 N2 O3'   146.144 
GLU 'L-peptide linking' y 'GLUTAMIC ACID'  ?                               'C5 H9 N O4'     147.129 
GLY 'peptide linking'   y GLYCINE          ?                               'C2 H5 N O2'     75.067  
GOL non-polymer         . GLYCEROL         'GLYCERIN; PROPANE-1,2,3-TRIOL' 'C3 H8 O3'       92.094  
HIS 'L-peptide linking' y HISTIDINE        ?                               'C6 H10 N3 O2 1' 156.162 
HOH non-polymer         . WATER            ?                               'H2 O'           18.015  
ILE 'L-peptide linking' y ISOLEUCINE       ?                               'C6 H13 N O2'    131.173 
LEU 'L-peptide linking' y LEUCINE          ?                               'C6 H13 N O2'    131.173 
LYS 'L-peptide linking' y LYSINE           ?                               'C6 H15 N2 O2 1' 147.195 
MET 'L-peptide linking' y METHIONINE       ?                               'C5 H11 N O2 S'  149.211 
MSE 'L-peptide linking' n SELENOMETHIONINE ?                               'C5 H11 N O2 Se' 196.106 
PHE 'L-peptide linking' y PHENYLALANINE    ?                               'C9 H11 N O2'    165.189 
PRO 'L-peptide linking' y PROLINE          ?                               'C5 H9 N O2'     115.130 
SER 'L-peptide linking' y SERINE           ?                               'C3 H7 N O3'     105.093 
SO4 non-polymer         . 'SULFATE ION'    ?                               'O4 S -2'        96.063  
THR 'L-peptide linking' y THREONINE        ?                               'C4 H9 N O3'     119.119 
TRP 'L-peptide linking' y TRYPTOPHAN       ?                               'C11 H12 N2 O2'  204.225 
TYR 'L-peptide linking' y TYROSINE         ?                               'C9 H11 N O3'    181.189 
VAL 'L-peptide linking' y VALINE           ?                               'C5 H11 N O2'    117.146 
# 
loop_
_pdbx_poly_seq_scheme.asym_id 
_pdbx_poly_seq_scheme.entity_id 
_pdbx_poly_seq_scheme.seq_id 
_pdbx_poly_seq_scheme.mon_id 
_pdbx_poly_seq_scheme.ndb_seq_num 
_pdbx_poly_seq_scheme.pdb_seq_num 
_pdbx_poly_seq_scheme.auth_seq_num 
_pdbx_poly_seq_scheme.pdb_mon_id 
_pdbx_poly_seq_scheme.auth_mon_id 
_pdbx_poly_seq_scheme.pdb_strand_id 
_pdbx_poly_seq_scheme.pdb_ins_code 
_pdbx_poly_seq_scheme.hetero 
A 1 1  GLY 1  -1 ?  ?   ?   A . n 
A 1 2  HIS 2  0  ?  ?   ?   A . n 
A 1 3  MSE 3  1  ?  ?   ?   A . n 
A 1 4  THR 4  2  ?  ?   ?   A . n 
A 1 5  ASP 5  3  ?  ?   ?   A . n 
A 1 6  GLU 6  4  ?  ?   ?   A . n 
A 1 7  ASP 7  5  ?  ?   ?   A . n 
A 1 8  SER 8  6  ?  ?   ?   A . n 
A 1 9  GLU 9  7  ?  ?   ?   A . n 
A 1 10 ALA 10 8  ?  ?   ?   A . n 
A 1 11 ASN 11 9  ?  ?   ?   A . n 
A 1 12 ALA 12 10 ?  ?   ?   A . n 
A 1 13 LEU 13 11 ?  ?   ?   A . n 
A 1 14 ALA 14 12 ?  ?   ?   A . n 
A 1 15 ASP 15 13 ?  ?   ?   A . n 
A 1 16 PRO 16 14 ?  ?   ?   A . n 
A 1 17 ASP 17 15 ?  ?   ?   A . n 
A 1 18 ASN 18 16 ?  ?   ?   A . n 
A 1 19 PRO 19 17 ?  ?   ?   A . n 
A 1 20 PRO 20 18 ?  ?   ?   A . n 
A 1 21 LEU 21 19 ?  ?   ?   A . n 
A 1 22 SER 22 20 ?  ?   ?   A . n 
A 1 23 ALA 23 21 ?  ?   ?   A . n 
A 1 24 GLU 24 22 ?  ?   ?   A . n 
A 1 25 GLN 25 23 ?  ?   ?   A . n 
A 1 26 LEU 26 24 ?  ?   ?   A . n 
A 1 27 ALA 27 25 ?  ?   ?   A . n 
A 1 28 SER 28 26 ?  ?   ?   A . n 
A 1 29 ALA 29 27 ?  ?   ?   A . n 
A 1 30 PRO 30 28 ?  ?   ?   A . n 
A 1 31 ARG 31 29 ?  ?   ?   A . n 
A 1 32 MSE 32 30 30 MSE MSE A . n 
A 1 33 PRO 33 31 31 PRO PRO A . n 
A 1 34 ARG 34 32 32 ARG ARG A . n 
A 1 35 ILE 35 33 33 ILE ILE A . n 
A 1 36 LYS 36 34 34 LYS LYS A . n 
A 1 37 ILE 37 35 35 ILE ILE A . n 
A 1 38 ILE 38 36 36 ILE ILE A . n 
A 1 39 ARG 39 37 37 ARG ARG A . n 
A 1 40 ARG 40 38 38 ARG ARG A . n 
A 1 41 ALA 41 39 39 ALA ALA A . n 
A 1 42 LEU 42 40 40 LEU LEU A . n 
A 1 43 LYS 43 41 41 LYS LYS A . n 
A 1 44 LEU 44 42 42 LEU LEU A . n 
A 1 45 THR 45 43 43 THR THR A . n 
A 1 46 GLN 46 44 44 GLN GLN A . n 
A 1 47 GLU 47 45 45 GLU GLU A . n 
A 1 48 GLU 48 46 46 GLU GLU A . n 
A 1 49 PHE 49 47 47 PHE PHE A . n 
A 1 50 SER 50 48 48 SER SER A . n 
A 1 51 ALA 51 49 49 ALA ALA A . n 
A 1 52 ARG 52 50 50 ARG ARG A . n 
A 1 53 TYR 53 51 51 TYR TYR A . n 
A 1 54 HIS 54 52 52 HIS HIS A . n 
A 1 55 ILE 55 53 53 ILE ILE A . n 
A 1 56 PRO 56 54 54 PRO PRO A . n 
A 1 57 LEU 57 55 55 LEU LEU A . n 
A 1 58 GLY 58 56 56 GLY GLY A . n 
A 1 59 THR 59 57 57 THR THR A . n 
A 1 60 LEU 60 58 58 LEU LEU A . n 
A 1 61 ARG 61 59 59 ARG ARG A . n 
A 1 62 ASP 62 60 60 ASP ASP A . n 
A 1 63 TRP 63 61 61 TRP TRP A . n 
A 1 64 GLU 64 62 62 GLU GLU A . n 
A 1 65 GLN 65 63 63 GLN GLN A . n 
A 1 66 GLY 66 64 64 GLY GLY A . n 
A 1 67 ARG 67 65 65 ARG ARG A . n 
A 1 68 SER 68 66 66 SER SER A . n 
A 1 69 GLU 69 67 67 GLU GLU A . n 
A 1 70 PRO 70 68 68 PRO PRO A . n 
A 1 71 ASP 71 69 69 ASP ASP A . n 
A 1 72 GLN 72 70 70 GLN GLN A . n 
A 1 73 PRO 73 71 71 PRO PRO A . n 
A 1 74 ALA 74 72 72 ALA ALA A . n 
A 1 75 ARG 75 73 73 ARG ARG A . n 
A 1 76 ALA 76 74 74 ALA ALA A . n 
A 1 77 TYR 77 75 75 TYR TYR A . n 
A 1 78 LEU 78 76 76 LEU LEU A . n 
A 1 79 LYS 79 77 77 LYS LYS A . n 
A 1 80 ILE 80 78 78 ILE ILE A . n 
A 1 81 ILE 81 79 79 ILE ILE A . n 
A 1 82 ALA 82 80 80 ALA ALA A . n 
A 1 83 VAL 83 81 81 VAL VAL A . n 
A 1 84 ASP 84 82 82 ASP ASP A . n 
A 1 85 PRO 85 83 83 PRO PRO A . n 
A 1 86 GLU 86 84 84 GLU GLU A . n 
A 1 87 GLY 87 85 85 GLY GLY A . n 
A 1 88 THR 88 86 86 THR THR A . n 
A 1 89 ALA 89 87 87 ALA ALA A . n 
A 1 90 ALA 90 88 88 ALA ALA A . n 
A 1 91 ALA 91 89 89 ALA ALA A . n 
A 1 92 LEU 92 90 90 LEU LEU A . n 
A 1 93 ARG 93 91 91 ARG ARG A . n 
A 1 94 LYS 94 92 ?  ?   ?   A . n 
A 1 95 GLY 95 93 ?  ?   ?   A . n 
A 1 96 ALA 96 94 ?  ?   ?   A . n 
A 1 97 THR 97 95 ?  ?   ?   A . n 
A 1 98 GLY 98 96 ?  ?   ?   A . n 
A 1 99 SER 99 97 ?  ?   ?   A . n 
# 
loop_
_pdbx_nonpoly_scheme.asym_id 
_pdbx_nonpoly_scheme.entity_id 
_pdbx_nonpoly_scheme.mon_id 
_pdbx_nonpoly_scheme.ndb_seq_num 
_pdbx_nonpoly_scheme.pdb_seq_num 
_pdbx_nonpoly_scheme.auth_seq_num 
_pdbx_nonpoly_scheme.pdb_mon_id 
_pdbx_nonpoly_scheme.auth_mon_id 
_pdbx_nonpoly_scheme.pdb_strand_id 
_pdbx_nonpoly_scheme.pdb_ins_code 
B 2 SO4 1  101 1  SO4 SO4 A . 
C 2 SO4 1  102 2  SO4 SO4 A . 
D 2 SO4 1  103 3  SO4 SO4 A . 
E 2 SO4 1  104 4  SO4 SO4 A . 
F 2 SO4 1  106 6  SO4 SO4 A . 
G 2 SO4 1  107 7  SO4 SO4 A . 
H 3 GOL 1  201 1  GOL GOL A . 
I 3 GOL 1  202 1  GOL GOL A . 
J 4 HOH 1  203 1  HOH HOH A . 
J 4 HOH 2  204 2  HOH HOH A . 
J 4 HOH 3  205 3  HOH HOH A . 
J 4 HOH 4  206 4  HOH HOH A . 
J 4 HOH 5  207 5  HOH HOH A . 
J 4 HOH 6  208 6  HOH HOH A . 
J 4 HOH 7  209 7  HOH HOH A . 
J 4 HOH 8  210 8  HOH HOH A . 
J 4 HOH 9  211 9  HOH HOH A . 
J 4 HOH 10 212 10 HOH HOH A . 
J 4 HOH 11 213 11 HOH HOH A . 
J 4 HOH 12 214 12 HOH HOH A . 
J 4 HOH 13 215 13 HOH HOH A . 
J 4 HOH 14 216 14 HOH HOH A . 
J 4 HOH 15 217 15 HOH HOH A . 
J 4 HOH 16 218 16 HOH HOH A . 
J 4 HOH 17 219 17 HOH HOH A . 
J 4 HOH 18 220 18 HOH HOH A . 
J 4 HOH 19 221 19 HOH HOH A . 
J 4 HOH 20 222 20 HOH HOH A . 
J 4 HOH 21 223 21 HOH HOH A . 
J 4 HOH 22 224 22 HOH HOH A . 
J 4 HOH 23 225 23 HOH HOH A . 
J 4 HOH 24 226 24 HOH HOH A . 
J 4 HOH 25 227 25 HOH HOH A . 
J 4 HOH 26 228 26 HOH HOH A . 
J 4 HOH 27 229 27 HOH HOH A . 
J 4 HOH 28 230 28 HOH HOH A . 
J 4 HOH 29 231 29 HOH HOH A . 
J 4 HOH 30 232 30 HOH HOH A . 
J 4 HOH 31 233 31 HOH HOH A . 
J 4 HOH 32 234 32 HOH HOH A . 
J 4 HOH 33 235 33 HOH HOH A . 
J 4 HOH 34 236 34 HOH HOH A . 
J 4 HOH 35 237 35 HOH HOH A . 
J 4 HOH 36 238 36 HOH HOH A . 
J 4 HOH 37 239 37 HOH HOH A . 
J 4 HOH 38 240 38 HOH HOH A . 
J 4 HOH 39 241 39 HOH HOH A . 
J 4 HOH 40 242 40 HOH HOH A . 
J 4 HOH 41 243 41 HOH HOH A . 
J 4 HOH 42 244 42 HOH HOH A . 
J 4 HOH 43 245 43 HOH HOH A . 
J 4 HOH 44 246 44 HOH HOH A . 
J 4 HOH 45 247 45 HOH HOH A . 
J 4 HOH 46 248 46 HOH HOH A . 
J 4 HOH 47 249 47 HOH HOH A . 
J 4 HOH 48 250 49 HOH HOH A . 
J 4 HOH 49 251 50 HOH HOH A . 
J 4 HOH 50 252 52 HOH HOH A . 
J 4 HOH 51 253 53 HOH HOH A . 
J 4 HOH 52 254 54 HOH HOH A . 
J 4 HOH 53 255 55 HOH HOH A . 
J 4 HOH 54 256 56 HOH HOH A . 
J 4 HOH 55 257 57 HOH HOH A . 
J 4 HOH 56 258 58 HOH HOH A . 
J 4 HOH 57 259 59 HOH HOH A . 
J 4 HOH 58 260 63 HOH HOH A . 
J 4 HOH 59 261 68 HOH HOH A . 
J 4 HOH 60 262 69 HOH HOH A . 
J 4 HOH 61 263 75 HOH HOH A . 
J 4 HOH 62 264 76 HOH HOH A . 
J 4 HOH 63 265 77 HOH HOH A . 
J 4 HOH 64 266 78 HOH HOH A . 
J 4 HOH 65 267 84 HOH HOH A . 
J 4 HOH 66 268 86 HOH HOH A . 
J 4 HOH 67 269 87 HOH HOH A . 
J 4 HOH 68 270 88 HOH HOH A . 
# 
loop_
_software.name 
_software.classification 
_software.version 
_software.citation_id 
_software.pdbx_ordinal 
REFMAC      refinement        5.2.0019 ? 1  
SBC-Collect 'data collection' .        ? 2  
HKL-3000    'data reduction'  .        ? 3  
HKL-3000    'data scaling'    .        ? 4  
HKL-3000    phasing           .        ? 5  
SHELXD      phasing           .        ? 6  
SHELXE      'model building'  .        ? 7  
MLPHARE     phasing           .        ? 8  
DM          phasing           .        ? 9  
SOLVE       phasing           .        ? 10 
RESOLVE     phasing           .        ? 11 
ARP/wARP    'model building'  .        ? 12 
CCP4        phasing           .        ? 13 
O           'model building'  .        ? 14 
Coot        'model building'  .        ? 15 
# 
_cell.entry_id           2PPX 
_cell.length_a           70.696 
_cell.length_b           70.696 
_cell.length_c           103.736 
_cell.angle_alpha        90.00 
_cell.angle_beta         90.00 
_cell.angle_gamma        120.00 
_cell.Z_PDB              12 
_cell.pdbx_unique_axis   ? 
_cell.length_a_esd       ? 
_cell.length_b_esd       ? 
_cell.length_c_esd       ? 
_cell.angle_alpha_esd    ? 
_cell.angle_beta_esd     ? 
_cell.angle_gamma_esd    ? 
# 
_symmetry.entry_id                         2PPX 
_symmetry.space_group_name_H-M             'P 64 2 2' 
_symmetry.pdbx_full_space_group_name_H-M   ? 
_symmetry.cell_setting                     ? 
_symmetry.Int_Tables_number                181 
_symmetry.space_group_name_Hall            ? 
# 
_exptl.entry_id          2PPX 
_exptl.method            'X-RAY DIFFRACTION' 
_exptl.crystals_number   1 
# 
_exptl_crystal.id                    1 
_exptl_crystal.density_meas          ? 
_exptl_crystal.density_Matthews      3.42 
_exptl_crystal.density_percent_sol   64.05 
_exptl_crystal.description           ? 
_exptl_crystal.F_000                 ? 
_exptl_crystal.preparation           ? 
# 
_exptl_crystal_grow.crystal_id      1 
_exptl_crystal_grow.method          'VAPOR DIFFUSION, HANGING DROP' 
_exptl_crystal_grow.temp            291 
_exptl_crystal_grow.temp_details    ? 
_exptl_crystal_grow.pH              5.6 
_exptl_crystal_grow.pdbx_details    
'2M Ammonium sulfate, 0.2M K/Na tartrate, 0.1M Na citrate, pH 5.6, VAPOR DIFFUSION, HANGING DROP, temperature 291K' 
_exptl_crystal_grow.pdbx_pH_range   . 
# 
_diffrn.id                     1 
_diffrn.ambient_temp           100 
_diffrn.ambient_temp_details   ? 
_diffrn.crystal_id             1 
# 
_diffrn_detector.diffrn_id              1 
_diffrn_detector.detector               CCD 
_diffrn_detector.type                   'ADSC QUANTUM 315' 
_diffrn_detector.pdbx_collection_date   2006-02-05 
_diffrn_detector.details                ? 
# 
_diffrn_radiation.diffrn_id                        1 
_diffrn_radiation.wavelength_id                    1 
_diffrn_radiation.pdbx_monochromatic_or_laue_m_l   M 
_diffrn_radiation.monochromator                    'SAGITALLY FOCUSED Si(111)' 
_diffrn_radiation.pdbx_diffrn_protocol             MAD 
_diffrn_radiation.pdbx_scattering_type             x-ray 
# 
loop_
_diffrn_radiation_wavelength.id 
_diffrn_radiation_wavelength.wavelength 
_diffrn_radiation_wavelength.wt 
1 0.97948 1.0 
2 0.97935 1.0 
# 
_diffrn_source.diffrn_id                   1 
_diffrn_source.source                      SYNCHROTRON 
_diffrn_source.type                        'APS BEAMLINE 19-ID' 
_diffrn_source.pdbx_synchrotron_site       APS 
_diffrn_source.pdbx_synchrotron_beamline   19-ID 
_diffrn_source.pdbx_wavelength             ? 
_diffrn_source.pdbx_wavelength_list        '0.97948, 0.97935' 
# 
_reflns.entry_id                     2PPX 
_reflns.observed_criterion_sigma_F   0 
_reflns.observed_criterion_sigma_I   -3 
_reflns.d_resolution_high            1.95 
_reflns.d_resolution_low             35.35 
_reflns.number_all                   10649 
_reflns.number_obs                   10649 
_reflns.percent_possible_obs         97.5 
_reflns.pdbx_Rmerge_I_obs            ? 
_reflns.pdbx_Rsym_value              0.049 
_reflns.pdbx_netI_over_sigmaI        11.9 
_reflns.B_iso_Wilson_estimate        38.6 
_reflns.pdbx_redundancy              ? 
_reflns.R_free_details               ? 
_reflns.limit_h_max                  ? 
_reflns.limit_h_min                  ? 
_reflns.limit_k_max                  ? 
_reflns.limit_k_min                  ? 
_reflns.limit_l_max                  ? 
_reflns.limit_l_min                  ? 
_reflns.observed_criterion_F_max     ? 
_reflns.observed_criterion_F_min     ? 
_reflns.pdbx_chi_squared             ? 
_reflns.pdbx_scaling_rejects         ? 
_reflns.pdbx_ordinal                 1 
_reflns.pdbx_diffrn_id               1 
# 
_reflns_shell.d_res_high             1.95 
_reflns_shell.d_res_low              2.05 
_reflns_shell.percent_possible_all   81.3 
_reflns_shell.Rmerge_I_obs           ? 
_reflns_shell.pdbx_Rsym_value        0.347 
_reflns_shell.meanI_over_sigI_obs    2 
_reflns_shell.pdbx_redundancy        5.9 
_reflns_shell.percent_possible_obs   ? 
_reflns_shell.number_unique_all      ? 
_reflns_shell.number_measured_all    ? 
_reflns_shell.number_measured_obs    ? 
_reflns_shell.number_unique_obs      ? 
_reflns_shell.pdbx_chi_squared       ? 
_reflns_shell.pdbx_ordinal           1 
_reflns_shell.pdbx_diffrn_id         1 
# 
_refine.entry_id                                 2PPX 
_refine.ls_number_reflns_obs                     10139 
_refine.ls_number_reflns_all                     10139 
_refine.pdbx_ls_sigma_I                          -3 
_refine.pdbx_ls_sigma_F                          0.00 
_refine.pdbx_data_cutoff_high_absF               ? 
_refine.pdbx_data_cutoff_low_absF                ? 
_refine.pdbx_data_cutoff_high_rms_absF           ? 
_refine.ls_d_res_low                             35.35 
_refine.ls_d_res_high                            2.00 
_refine.ls_percent_reflns_obs                    97.53 
_refine.ls_R_factor_obs                          0.19831 
_refine.ls_R_factor_all                          0.19831 
_refine.ls_R_factor_R_work                       0.19607 
_refine.ls_R_factor_R_free                       0.24382 
_refine.ls_R_factor_R_free_error                 ? 
_refine.ls_R_factor_R_free_error_details         ? 
_refine.ls_percent_reflns_R_free                 4.8 
_refine.ls_number_reflns_R_free                  509 
_refine.ls_number_parameters                     ? 
_refine.ls_number_restraints                     ? 
_refine.occupancy_min                            ? 
_refine.occupancy_max                            ? 
_refine.correlation_coeff_Fo_to_Fc               0.952 
_refine.correlation_coeff_Fo_to_Fc_free          0.930 
_refine.B_iso_mean                               65.677 
_refine.aniso_B[1][1]                            0.90 
_refine.aniso_B[2][2]                            0.90 
_refine.aniso_B[3][3]                            -1.35 
_refine.aniso_B[1][2]                            0.45 
_refine.aniso_B[1][3]                            0.00 
_refine.aniso_B[2][3]                            0.00 
_refine.solvent_model_details                    MASK 
_refine.solvent_model_param_ksol                 ? 
_refine.solvent_model_param_bsol                 ? 
_refine.pdbx_solvent_vdw_probe_radii             1.40 
_refine.pdbx_solvent_ion_probe_radii             0.80 
_refine.pdbx_solvent_shrinkage_radii             0.80 
_refine.pdbx_ls_cross_valid_method               THROUGHOUT 
_refine.details                                  'HYDROGENS HAVE BEEN ADDED IN THE RIDING POSITIONS' 
_refine.pdbx_starting_model                      ? 
_refine.pdbx_method_to_determine_struct          MAD 
_refine.pdbx_isotropic_thermal_model             ? 
_refine.pdbx_stereochemistry_target_values       'MAXIMUM LIKELIHOOD WITH PHASES' 
_refine.pdbx_stereochem_target_val_spec_case     ? 
_refine.pdbx_R_Free_selection_details            RANDOM 
_refine.pdbx_overall_ESU_R                       0.118 
_refine.pdbx_overall_ESU_R_Free                  0.126 
_refine.overall_SU_ML                            0.075 
_refine.overall_SU_B                             5.095 
_refine.ls_redundancy_reflns_obs                 ? 
_refine.B_iso_min                                ? 
_refine.B_iso_max                                ? 
_refine.overall_SU_R_Cruickshank_DPI             ? 
_refine.overall_SU_R_free                        ? 
_refine.ls_wR_factor_R_free                      ? 
_refine.ls_wR_factor_R_work                      ? 
_refine.overall_FOM_free_R_set                   ? 
_refine.overall_FOM_work_R_set                   ? 
_refine.pdbx_refine_id                           'X-RAY DIFFRACTION' 
_refine.pdbx_TLS_residual_ADP_flag               'LIKELY RESIDUAL' 
_refine.pdbx_diffrn_id                           1 
_refine.pdbx_overall_phase_error                 ? 
_refine.pdbx_overall_SU_R_free_Cruickshank_DPI   ? 
_refine.pdbx_overall_SU_R_Blow_DPI               ? 
_refine.pdbx_overall_SU_R_free_Blow_DPI          ? 
# 
_refine_hist.pdbx_refine_id                   'X-RAY DIFFRACTION' 
_refine_hist.cycle_id                         LAST 
_refine_hist.pdbx_number_atoms_protein        501 
_refine_hist.pdbx_number_atoms_nucleic_acid   0 
_refine_hist.pdbx_number_atoms_ligand         42 
_refine_hist.number_atoms_solvent             68 
_refine_hist.number_atoms_total               611 
_refine_hist.d_res_high                       2.00 
_refine_hist.d_res_low                        35.35 
# 
loop_
_refine_ls_restr.type 
_refine_ls_restr.dev_ideal 
_refine_ls_restr.dev_ideal_target 
_refine_ls_restr.weight 
_refine_ls_restr.number 
_refine_ls_restr.pdbx_refine_id 
_refine_ls_restr.pdbx_restraint_function 
r_bond_refined_d         0.015  0.022  ? 586 'X-RAY DIFFRACTION' ? 
r_angle_refined_deg      1.450  2.045  ? 798 'X-RAY DIFFRACTION' ? 
r_dihedral_angle_1_deg   4.268  5.000  ? 71  'X-RAY DIFFRACTION' ? 
r_dihedral_angle_2_deg   30.974 21.481 ? 27  'X-RAY DIFFRACTION' ? 
r_dihedral_angle_3_deg   13.769 15.000 ? 105 'X-RAY DIFFRACTION' ? 
r_dihedral_angle_4_deg   17.649 15.000 ? 9   'X-RAY DIFFRACTION' ? 
r_chiral_restr           0.112  0.200  ? 81  'X-RAY DIFFRACTION' ? 
r_gen_planes_refined     0.006  0.020  ? 428 'X-RAY DIFFRACTION' ? 
r_nbd_refined            0.207  0.200  ? 271 'X-RAY DIFFRACTION' ? 
r_nbtor_refined          0.307  0.200  ? 382 'X-RAY DIFFRACTION' ? 
r_xyhbond_nbd_refined    0.123  0.200  ? 54  'X-RAY DIFFRACTION' ? 
r_symmetry_vdw_refined   0.184  0.200  ? 25  'X-RAY DIFFRACTION' ? 
r_symmetry_hbond_refined 0.124  0.200  ? 9   'X-RAY DIFFRACTION' ? 
r_mcbond_it              0.834  1.500  ? 347 'X-RAY DIFFRACTION' ? 
r_mcangle_it             1.312  2.000  ? 542 'X-RAY DIFFRACTION' ? 
r_scbond_it              2.356  3.000  ? 268 'X-RAY DIFFRACTION' ? 
r_scangle_it             3.856  4.500  ? 253 'X-RAY DIFFRACTION' ? 
# 
_refine_ls_shell.pdbx_total_number_of_bins_used   20 
_refine_ls_shell.d_res_high                       2.000 
_refine_ls_shell.d_res_low                        2.052 
_refine_ls_shell.number_reflns_R_work             616 
_refine_ls_shell.R_factor_R_work                  0.31 
_refine_ls_shell.percent_reflns_obs               83.12 
_refine_ls_shell.R_factor_R_free                  0.396 
_refine_ls_shell.R_factor_R_free_error            ? 
_refine_ls_shell.percent_reflns_R_free            ? 
_refine_ls_shell.number_reflns_R_free             34 
_refine_ls_shell.number_reflns_all                ? 
_refine_ls_shell.R_factor_all                     ? 
_refine_ls_shell.number_reflns_obs                ? 
_refine_ls_shell.redundancy_reflns_obs            ? 
_refine_ls_shell.pdbx_refine_id                   'X-RAY DIFFRACTION' 
# 
_struct.entry_id                  2PPX 
_struct.title                     'Crystal structure of a HTH XRE-family like protein from Agrobacterium tumefaciens' 
_struct.pdbx_model_details        ? 
_struct.pdbx_CASP_flag            ? 
_struct.pdbx_model_type_details   ? 
# 
_struct_keywords.entry_id        2PPX 
_struct_keywords.pdbx_keywords   'STRUCTURAL GENOMICS, UNKNOWN FUNCTION' 
_struct_keywords.text            
;Agrobacterium tumefaciens, HTH-motif, XRE-family, structural genomics, PSI-2, Protein Structure Initiative, Midwest Center for Structural Genomics, MCSG, UNKNOWN FUNCTION
;
# 
loop_
_struct_asym.id 
_struct_asym.pdbx_blank_PDB_chainid_flag 
_struct_asym.pdbx_modified 
_struct_asym.entity_id 
_struct_asym.details 
A N N 1 ? 
B N N 2 ? 
C N N 2 ? 
D N N 2 ? 
E N N 2 ? 
F N N 2 ? 
G N N 2 ? 
H N N 3 ? 
I N N 3 ? 
J N N 4 ? 
# 
_struct_ref.id                         1 
_struct_ref.db_name                    UNP 
_struct_ref.db_code                    Q8UEM2_AGRT5 
_struct_ref.pdbx_db_accession          Q8UEM2 
_struct_ref.entity_id                  1 
_struct_ref.pdbx_seq_one_letter_code   
;MTDEDSEANALADPDNPPLSAEQLASAPRMPRIKIIRRALKLTQEEFSARYHIPLGTLRDWEQGRSEPDQPARAYLKIIA
VDPEGTAAALRKGAT
;
_struct_ref.pdbx_align_begin           1 
_struct_ref.pdbx_db_isoform            ? 
# 
_struct_ref_seq.align_id                      1 
_struct_ref_seq.ref_id                        1 
_struct_ref_seq.pdbx_PDB_id_code              2PPX 
_struct_ref_seq.pdbx_strand_id                A 
_struct_ref_seq.seq_align_beg                 3 
_struct_ref_seq.pdbx_seq_align_beg_ins_code   ? 
_struct_ref_seq.seq_align_end                 97 
_struct_ref_seq.pdbx_seq_align_end_ins_code   ? 
_struct_ref_seq.pdbx_db_accession             Q8UEM2 
_struct_ref_seq.db_align_beg                  1 
_struct_ref_seq.pdbx_db_align_beg_ins_code    ? 
_struct_ref_seq.db_align_end                  95 
_struct_ref_seq.pdbx_db_align_end_ins_code    ? 
_struct_ref_seq.pdbx_auth_seq_align_beg       1 
_struct_ref_seq.pdbx_auth_seq_align_end       95 
# 
loop_
_struct_ref_seq_dif.align_id 
_struct_ref_seq_dif.pdbx_pdb_id_code 
_struct_ref_seq_dif.mon_id 
_struct_ref_seq_dif.pdbx_pdb_strand_id 
_struct_ref_seq_dif.seq_num 
_struct_ref_seq_dif.pdbx_pdb_ins_code 
_struct_ref_seq_dif.pdbx_seq_db_name 
_struct_ref_seq_dif.pdbx_seq_db_accession_code 
_struct_ref_seq_dif.db_mon_id 
_struct_ref_seq_dif.pdbx_seq_db_seq_num 
_struct_ref_seq_dif.details 
_struct_ref_seq_dif.pdbx_auth_seq_num 
_struct_ref_seq_dif.pdbx_ordinal 
1 2PPX GLY A 1  ? UNP Q8UEM2 ?   ?  'cloning artifact' -1 1 
1 2PPX HIS A 2  ? UNP Q8UEM2 ?   ?  'cloning artifact' 0  2 
1 2PPX MSE A 3  ? UNP Q8UEM2 MET 1  'modified residue' 1  3 
1 2PPX MSE A 32 ? UNP Q8UEM2 MET 30 'modified residue' 30 4 
1 2PPX GLY A 98 ? UNP Q8UEM2 ?   ?  'cloning artifact' 96 5 
1 2PPX SER A 99 ? UNP Q8UEM2 ?   ?  'cloning artifact' 97 6 
# 
loop_
_pdbx_struct_assembly.id 
_pdbx_struct_assembly.details 
_pdbx_struct_assembly.method_details 
_pdbx_struct_assembly.oligomeric_details 
_pdbx_struct_assembly.oligomeric_count 
1 author_and_software_defined_assembly PISA tetrameric 4 
2 software_defined_assembly            PQS  monomeric  1 
# 
loop_
_pdbx_struct_assembly_prop.biol_id 
_pdbx_struct_assembly_prop.type 
_pdbx_struct_assembly_prop.value 
_pdbx_struct_assembly_prop.details 
1 'ABSA (A^2)' 10260 ? 
1 MORE         -285  ? 
1 'SSA (A^2)'  12930 ? 
# 
loop_
_pdbx_struct_assembly_gen.assembly_id 
_pdbx_struct_assembly_gen.oper_expression 
_pdbx_struct_assembly_gen.asym_id_list 
1 1,2,3,4 A,B,C,D,E,F,G,H,I,J 
2 1       A,B,C,D,E,F,G,H,I,J 
# 
loop_
_pdbx_struct_oper_list.id 
_pdbx_struct_oper_list.type 
_pdbx_struct_oper_list.name 
_pdbx_struct_oper_list.symmetry_operation 
_pdbx_struct_oper_list.matrix[1][1] 
_pdbx_struct_oper_list.matrix[1][2] 
_pdbx_struct_oper_list.matrix[1][3] 
_pdbx_struct_oper_list.vector[1] 
_pdbx_struct_oper_list.matrix[2][1] 
_pdbx_struct_oper_list.matrix[2][2] 
_pdbx_struct_oper_list.matrix[2][3] 
_pdbx_struct_oper_list.vector[2] 
_pdbx_struct_oper_list.matrix[3][1] 
_pdbx_struct_oper_list.matrix[3][2] 
_pdbx_struct_oper_list.matrix[3][3] 
_pdbx_struct_oper_list.vector[3] 
1 'identity operation'         1_555  x,y,z       1.0000000000  0.0000000000  0.0000000000  0.0000000000   0.0000000000  1.0000000000  0.0000000000  0.0000000000  0.0000000000  0.0000000000  1.0000000000  0.0000000000  
2 'crystal symmetry operation' 4_655  -x+1,-y,z   -0.7696850073 0.2823452205  0.5725959885  -15.3229141711 0.2823452205  -0.6538704554 0.7019505710  -6.6930532280 0.5725959885  0.7019505710  0.4235554626  9.4636507497  
3 'crystal symmetry operation' 8_555  x-y,-y,-z   -0.2473717113 0.7141194408  -0.6548592679 4.2288178066   0.7141194408  -0.3224190702 -0.6213528527 14.1571888927 -0.6548592679 -0.6213528527 -0.4302092185 20.2984860640 
4 'crystal symmetry operation' 11_655 -x+y+1,y,-z 0.0170567186  -0.9964646613 0.0822632794  -2.9577255227  -0.9964646613 -0.0237104745 -0.0805977183 -0.5075003975 0.0822632794  -0.0805977183 -0.9933462441 30.4202363434 
# 
_struct_biol.id        1 
_struct_biol.details   'potential tetramer' 
# 
loop_
_struct_conf.conf_type_id 
_struct_conf.id 
_struct_conf.pdbx_PDB_helix_id 
_struct_conf.beg_label_comp_id 
_struct_conf.beg_label_asym_id 
_struct_conf.beg_label_seq_id 
_struct_conf.pdbx_beg_PDB_ins_code 
_struct_conf.end_label_comp_id 
_struct_conf.end_label_asym_id 
_struct_conf.end_label_seq_id 
_struct_conf.pdbx_end_PDB_ins_code 
_struct_conf.beg_auth_comp_id 
_struct_conf.beg_auth_asym_id 
_struct_conf.beg_auth_seq_id 
_struct_conf.end_auth_comp_id 
_struct_conf.end_auth_asym_id 
_struct_conf.end_auth_seq_id 
_struct_conf.pdbx_PDB_helix_class 
_struct_conf.details 
_struct_conf.pdbx_PDB_helix_length 
HELX_P HELX_P1 1 PRO A 33 ? LEU A 42 ? PRO A 31 LEU A 40 1 ? 10 
HELX_P HELX_P2 2 THR A 45 ? HIS A 54 ? THR A 43 HIS A 52 1 ? 10 
HELX_P HELX_P3 3 PRO A 56 ? GLN A 65 ? PRO A 54 GLN A 63 1 ? 10 
HELX_P HELX_P4 4 ASP A 71 ? ASP A 84 ? ASP A 69 ASP A 82 1 ? 14 
HELX_P HELX_P5 5 ASP A 84 ? ARG A 93 ? ASP A 82 ARG A 91 1 ? 10 
# 
_struct_conf_type.id          HELX_P 
_struct_conf_type.criteria    ? 
_struct_conf_type.reference   ? 
# 
_struct_conn.id                            covale1 
_struct_conn.conn_type_id                  covale 
_struct_conn.pdbx_leaving_atom_flag        both 
_struct_conn.pdbx_PDB_id                   ? 
_struct_conn.ptnr1_label_asym_id           A 
_struct_conn.ptnr1_label_comp_id           MSE 
_struct_conn.ptnr1_label_seq_id            32 
_struct_conn.ptnr1_label_atom_id           C 
_struct_conn.pdbx_ptnr1_label_alt_id       ? 
_struct_conn.pdbx_ptnr1_PDB_ins_code       ? 
_struct_conn.pdbx_ptnr1_standard_comp_id   ? 
_struct_conn.ptnr1_symmetry                1_555 
_struct_conn.ptnr2_label_asym_id           A 
_struct_conn.ptnr2_label_comp_id           PRO 
_struct_conn.ptnr2_label_seq_id            33 
_struct_conn.ptnr2_label_atom_id           N 
_struct_conn.pdbx_ptnr2_label_alt_id       ? 
_struct_conn.pdbx_ptnr2_PDB_ins_code       ? 
_struct_conn.ptnr1_auth_asym_id            A 
_struct_conn.ptnr1_auth_comp_id            MSE 
_struct_conn.ptnr1_auth_seq_id             30 
_struct_conn.ptnr2_auth_asym_id            A 
_struct_conn.ptnr2_auth_comp_id            PRO 
_struct_conn.ptnr2_auth_seq_id             31 
_struct_conn.ptnr2_symmetry                1_555 
_struct_conn.pdbx_ptnr3_label_atom_id      ? 
_struct_conn.pdbx_ptnr3_label_seq_id       ? 
_struct_conn.pdbx_ptnr3_label_comp_id      ? 
_struct_conn.pdbx_ptnr3_label_asym_id      ? 
_struct_conn.pdbx_ptnr3_label_alt_id       ? 
_struct_conn.pdbx_ptnr3_PDB_ins_code       ? 
_struct_conn.details                       ? 
_struct_conn.pdbx_dist_value               1.340 
_struct_conn.pdbx_value_order              ? 
_struct_conn.pdbx_role                     ? 
# 
_struct_conn_type.id          covale 
_struct_conn_type.criteria    ? 
_struct_conn_type.reference   ? 
# 
_pdbx_modification_feature.ordinal                            1 
_pdbx_modification_feature.label_comp_id                      MSE 
_pdbx_modification_feature.label_asym_id                      A 
_pdbx_modification_feature.label_seq_id                       32 
_pdbx_modification_feature.label_alt_id                       ? 
_pdbx_modification_feature.modified_residue_label_comp_id     . 
_pdbx_modification_feature.modified_residue_label_asym_id     . 
_pdbx_modification_feature.modified_residue_label_seq_id      . 
_pdbx_modification_feature.modified_residue_label_alt_id      . 
_pdbx_modification_feature.auth_comp_id                       MSE 
_pdbx_modification_feature.auth_asym_id                       A 
_pdbx_modification_feature.auth_seq_id                        30 
_pdbx_modification_feature.PDB_ins_code                       ? 
_pdbx_modification_feature.symmetry                           1_555 
_pdbx_modification_feature.modified_residue_auth_comp_id      . 
_pdbx_modification_feature.modified_residue_auth_asym_id      . 
_pdbx_modification_feature.modified_residue_auth_seq_id       . 
_pdbx_modification_feature.modified_residue_PDB_ins_code      . 
_pdbx_modification_feature.modified_residue_symmetry          . 
_pdbx_modification_feature.comp_id_linking_atom               . 
_pdbx_modification_feature.modified_residue_id_linking_atom   . 
_pdbx_modification_feature.modified_residue_id                MET 
_pdbx_modification_feature.ref_pcm_id                         1 
_pdbx_modification_feature.ref_comp_id                        MSE 
_pdbx_modification_feature.type                               Selenomethionine 
_pdbx_modification_feature.category                           'Named protein modification' 
# 
loop_
_struct_site.id 
_struct_site.pdbx_evidence_code 
_struct_site.pdbx_auth_asym_id 
_struct_site.pdbx_auth_comp_id 
_struct_site.pdbx_auth_seq_id 
_struct_site.pdbx_auth_ins_code 
_struct_site.pdbx_num_residues 
_struct_site.details 
AC1 Software A SO4 101 ? 5 'BINDING SITE FOR RESIDUE SO4 A 101' 
AC2 Software A SO4 102 ? 4 'BINDING SITE FOR RESIDUE SO4 A 102' 
AC3 Software A SO4 103 ? 7 'BINDING SITE FOR RESIDUE SO4 A 103' 
AC4 Software A SO4 104 ? 6 'BINDING SITE FOR RESIDUE SO4 A 104' 
AC5 Software A SO4 106 ? 4 'BINDING SITE FOR RESIDUE SO4 A 106' 
AC6 Software A SO4 107 ? 1 'BINDING SITE FOR RESIDUE SO4 A 107' 
AC7 Software A GOL 201 ? 2 'BINDING SITE FOR RESIDUE GOL A 201' 
AC8 Software A GOL 202 ? 6 'BINDING SITE FOR RESIDUE GOL A 202' 
# 
loop_
_struct_site_gen.id 
_struct_site_gen.site_id 
_struct_site_gen.pdbx_num_res 
_struct_site_gen.label_comp_id 
_struct_site_gen.label_asym_id 
_struct_site_gen.label_seq_id 
_struct_site_gen.pdbx_auth_ins_code 
_struct_site_gen.auth_comp_id 
_struct_site_gen.auth_asym_id 
_struct_site_gen.auth_seq_id 
_struct_site_gen.label_atom_id 
_struct_site_gen.label_alt_id 
_struct_site_gen.symmetry 
_struct_site_gen.details 
1  AC1 5 ARG A 39 ? ARG A 37  . ? 1_555  ? 
2  AC1 5 ARG A 40 ? ARG A 38  . ? 1_555  ? 
3  AC1 5 LYS A 43 ? LYS A 41  . ? 10_665 ? 
4  AC1 5 HOH J .  ? HOH A 228 . ? 1_555  ? 
5  AC1 5 HOH J .  ? HOH A 247 . ? 1_555  ? 
6  AC2 4 GLU A 47 ? GLU A 45  . ? 8_555  ? 
7  AC2 4 ARG A 61 ? ARG A 59  . ? 8_555  ? 
8  AC2 4 ARG A 67 ? ARG A 65  . ? 1_555  ? 
9  AC2 4 HOH J .  ? HOH A 205 . ? 1_555  ? 
10 AC3 7 SER A 68 ? SER A 66  . ? 1_555  ? 
11 AC3 7 GLU A 69 ? GLU A 67  . ? 1_555  ? 
12 AC3 7 ASP A 71 ? ASP A 69  . ? 11_655 ? 
13 AC3 7 ARG A 75 ? ARG A 73  . ? 11_655 ? 
14 AC3 7 HOH J .  ? HOH A 211 . ? 11_655 ? 
15 AC3 7 HOH J .  ? HOH A 217 . ? 1_555  ? 
16 AC3 7 HOH J .  ? HOH A 242 . ? 11_655 ? 
17 AC4 6 HIS A 54 ? HIS A 52  . ? 4_655  ? 
18 AC4 6 GLN A 72 ? GLN A 70  . ? 1_555  ? 
19 AC4 6 ARG A 75 ? ARG A 73  . ? 1_555  ? 
20 AC4 6 HOH J .  ? HOH A 215 . ? 1_555  ? 
21 AC4 6 HOH J .  ? HOH A 257 . ? 1_555  ? 
22 AC4 6 HOH J .  ? HOH A 260 . ? 1_555  ? 
23 AC5 4 LYS A 36 ? LYS A 34  . ? 1_555  ? 
24 AC5 4 ARG A 40 ? ARG A 38  . ? 1_555  ? 
25 AC5 4 HOH J .  ? HOH A 252 . ? 1_555  ? 
26 AC5 4 HOH J .  ? HOH A 261 . ? 1_555  ? 
27 AC6 1 ARG A 52 ? ARG A 50  . ? 1_555  ? 
28 AC7 2 ARG A 52 ? ARG A 50  . ? 1_555  ? 
29 AC7 2 ARG A 93 ? ARG A 91  . ? 1_555  ? 
30 AC8 6 ARG A 34 ? ARG A 32  . ? 1_555  ? 
31 AC8 6 HOH J .  ? HOH A 212 . ? 1_555  ? 
32 AC8 6 HOH J .  ? HOH A 256 . ? 1_555  ? 
33 AC8 6 HOH J .  ? HOH A 257 . ? 1_555  ? 
34 AC8 6 HOH J .  ? HOH A 265 . ? 1_555  ? 
35 AC8 6 HOH J .  ? HOH A 266 . ? 1_555  ? 
# 
_pdbx_entry_details.entry_id                   2PPX 
_pdbx_entry_details.compound_details           ? 
_pdbx_entry_details.source_details             ? 
_pdbx_entry_details.nonpolymer_details         ? 
_pdbx_entry_details.sequence_details           ? 
_pdbx_entry_details.has_ligand_of_interest     ? 
_pdbx_entry_details.has_protein_modification   Y 
# 
_pdbx_SG_project.id                    1 
_pdbx_SG_project.project_name          'PSI, Protein Structure Initiative' 
_pdbx_SG_project.full_name_of_center   'Midwest Center for Structural Genomics' 
_pdbx_SG_project.initial_of_center     MCSG 
# 
_pdbx_struct_mod_residue.id               1 
_pdbx_struct_mod_residue.label_asym_id    A 
_pdbx_struct_mod_residue.label_comp_id    MSE 
_pdbx_struct_mod_residue.label_seq_id     32 
_pdbx_struct_mod_residue.auth_asym_id     A 
_pdbx_struct_mod_residue.auth_comp_id     MSE 
_pdbx_struct_mod_residue.auth_seq_id      30 
_pdbx_struct_mod_residue.PDB_ins_code     ? 
_pdbx_struct_mod_residue.parent_comp_id   MET 
_pdbx_struct_mod_residue.details          SELENOMETHIONINE 
# 
loop_
_pdbx_struct_special_symmetry.id 
_pdbx_struct_special_symmetry.PDB_model_num 
_pdbx_struct_special_symmetry.auth_asym_id 
_pdbx_struct_special_symmetry.auth_comp_id 
_pdbx_struct_special_symmetry.auth_seq_id 
_pdbx_struct_special_symmetry.PDB_ins_code 
_pdbx_struct_special_symmetry.label_asym_id 
_pdbx_struct_special_symmetry.label_comp_id 
_pdbx_struct_special_symmetry.label_seq_id 
1 1 A HOH 223 ? J HOH . 
2 1 A HOH 225 ? J HOH . 
3 1 A HOH 269 ? J HOH . 
# 
_pdbx_refine_tls.id               1 
_pdbx_refine_tls.details          ? 
_pdbx_refine_tls.method           refined 
_pdbx_refine_tls.origin_x         0.2711 
_pdbx_refine_tls.origin_y         0.0498 
_pdbx_refine_tls.origin_z         0.1388 
_pdbx_refine_tls.T[1][1]          -0.3794 
_pdbx_refine_tls.T[2][2]          -0.3051 
_pdbx_refine_tls.T[3][3]          -0.4247 
_pdbx_refine_tls.T[1][2]          0.1010 
_pdbx_refine_tls.T[1][3]          -0.0204 
_pdbx_refine_tls.T[2][3]          -0.1255 
_pdbx_refine_tls.L[1][1]          5.2119 
_pdbx_refine_tls.L[2][2]          2.5966 
_pdbx_refine_tls.L[3][3]          5.3885 
_pdbx_refine_tls.L[1][2]          -0.2381 
_pdbx_refine_tls.L[1][3]          -0.7021 
_pdbx_refine_tls.L[2][3]          0.9665 
_pdbx_refine_tls.S[1][1]          0.0607 
_pdbx_refine_tls.S[1][2]          0.5438 
_pdbx_refine_tls.S[1][3]          -0.1466 
_pdbx_refine_tls.S[2][1]          -0.3080 
_pdbx_refine_tls.S[2][2]          0.0084 
_pdbx_refine_tls.S[2][3]          -0.1378 
_pdbx_refine_tls.S[3][1]          -0.2732 
_pdbx_refine_tls.S[3][2]          -0.3369 
_pdbx_refine_tls.S[3][3]          -0.0691 
_pdbx_refine_tls.pdbx_refine_id   'X-RAY DIFFRACTION' 
# 
_pdbx_refine_tls_group.id                  1 
_pdbx_refine_tls_group.refine_tls_id       1 
_pdbx_refine_tls_group.beg_auth_asym_id    A 
_pdbx_refine_tls_group.beg_auth_seq_id     30 
_pdbx_refine_tls_group.beg_label_asym_id   A 
_pdbx_refine_tls_group.beg_label_seq_id    32 
_pdbx_refine_tls_group.end_auth_asym_id    A 
_pdbx_refine_tls_group.end_auth_seq_id     91 
_pdbx_refine_tls_group.end_label_asym_id   A 
_pdbx_refine_tls_group.end_label_seq_id    93 
_pdbx_refine_tls_group.selection           ? 
_pdbx_refine_tls_group.pdbx_refine_id      'X-RAY DIFFRACTION' 
_pdbx_refine_tls_group.selection_details   ? 
# 
_pdbx_database_remark.id     300 
_pdbx_database_remark.text   
;
BIOMOLECULE: 1
THIS ENTRY CONTAINS THE CRYSTALLOGRAPHIC ASYMMETRIC UNIT
WHICH CONSISTS OF 1 CHAIN(S). AUTHORS STATE THAT THE
BIOLOGICAL UNIT OF THIS PROTEIN IS UNKNOWN. THE POTENTIAL
TETRAMERIC ASSEMBLY SHOWN IN REMARK 350 IS PREDICTED BY
THE ANALYSIS OF PROTEIN INTERFACES BASED ON THIS CRYSTAL
STRUCTURE.
;
# 
loop_
_pdbx_unobs_or_zero_occ_residues.id 
_pdbx_unobs_or_zero_occ_residues.PDB_model_num 
_pdbx_unobs_or_zero_occ_residues.polymer_flag 
_pdbx_unobs_or_zero_occ_residues.occupancy_flag 
_pdbx_unobs_or_zero_occ_residues.auth_asym_id 
_pdbx_unobs_or_zero_occ_residues.auth_comp_id 
_pdbx_unobs_or_zero_occ_residues.auth_seq_id 
_pdbx_unobs_or_zero_occ_residues.PDB_ins_code 
_pdbx_unobs_or_zero_occ_residues.label_asym_id 
_pdbx_unobs_or_zero_occ_residues.label_comp_id 
_pdbx_unobs_or_zero_occ_residues.label_seq_id 
1  1 Y 1 A GLY -1 ? A GLY 1  
2  1 Y 1 A HIS 0  ? A HIS 2  
3  1 Y 1 A MSE 1  ? A MSE 3  
4  1 Y 1 A THR 2  ? A THR 4  
5  1 Y 1 A ASP 3  ? A ASP 5  
6  1 Y 1 A GLU 4  ? A GLU 6  
7  1 Y 1 A ASP 5  ? A ASP 7  
8  1 Y 1 A SER 6  ? A SER 8  
9  1 Y 1 A GLU 7  ? A GLU 9  
10 1 Y 1 A ALA 8  ? A ALA 10 
11 1 Y 1 A ASN 9  ? A ASN 11 
12 1 Y 1 A ALA 10 ? A ALA 12 
13 1 Y 1 A LEU 11 ? A LEU 13 
14 1 Y 1 A ALA 12 ? A ALA 14 
15 1 Y 1 A ASP 13 ? A ASP 15 
16 1 Y 1 A PRO 14 ? A PRO 16 
17 1 Y 1 A ASP 15 ? A ASP 17 
18 1 Y 1 A ASN 16 ? A ASN 18 
19 1 Y 1 A PRO 17 ? A PRO 19 
20 1 Y 1 A PRO 18 ? A PRO 20 
21 1 Y 1 A LEU 19 ? A LEU 21 
22 1 Y 1 A SER 20 ? A SER 22 
23 1 Y 1 A ALA 21 ? A ALA 23 
24 1 Y 1 A GLU 22 ? A GLU 24 
25 1 Y 1 A GLN 23 ? A GLN 25 
26 1 Y 1 A LEU 24 ? A LEU 26 
27 1 Y 1 A ALA 25 ? A ALA 27 
28 1 Y 1 A SER 26 ? A SER 28 
29 1 Y 1 A ALA 27 ? A ALA 29 
30 1 Y 1 A PRO 28 ? A PRO 30 
31 1 Y 1 A ARG 29 ? A ARG 31 
32 1 Y 1 A LYS 92 ? A LYS 94 
33 1 Y 1 A GLY 93 ? A GLY 95 
34 1 Y 1 A ALA 94 ? A ALA 96 
35 1 Y 1 A THR 95 ? A THR 97 
36 1 Y 1 A GLY 96 ? A GLY 98 
37 1 Y 1 A SER 97 ? A SER 99 
# 
loop_
_chem_comp_atom.comp_id 
_chem_comp_atom.atom_id 
_chem_comp_atom.type_symbol 
_chem_comp_atom.pdbx_aromatic_flag 
_chem_comp_atom.pdbx_stereo_config 
_chem_comp_atom.pdbx_ordinal 
ALA N    N  N N 1   
ALA CA   C  N S 2   
ALA C    C  N N 3   
ALA O    O  N N 4   
ALA CB   C  N N 5   
ALA OXT  O  N N 6   
ALA H    H  N N 7   
ALA H2   H  N N 8   
ALA HA   H  N N 9   
ALA HB1  H  N N 10  
ALA HB2  H  N N 11  
ALA HB3  H  N N 12  
ALA HXT  H  N N 13  
ARG N    N  N N 14  
ARG CA   C  N S 15  
ARG C    C  N N 16  
ARG O    O  N N 17  
ARG CB   C  N N 18  
ARG CG   C  N N 19  
ARG CD   C  N N 20  
ARG NE   N  N N 21  
ARG CZ   C  N N 22  
ARG NH1  N  N N 23  
ARG NH2  N  N N 24  
ARG OXT  O  N N 25  
ARG H    H  N N 26  
ARG H2   H  N N 27  
ARG HA   H  N N 28  
ARG HB2  H  N N 29  
ARG HB3  H  N N 30  
ARG HG2  H  N N 31  
ARG HG3  H  N N 32  
ARG HD2  H  N N 33  
ARG HD3  H  N N 34  
ARG HE   H  N N 35  
ARG HH11 H  N N 36  
ARG HH12 H  N N 37  
ARG HH21 H  N N 38  
ARG HH22 H  N N 39  
ARG HXT  H  N N 40  
ASN N    N  N N 41  
ASN CA   C  N S 42  
ASN C    C  N N 43  
ASN O    O  N N 44  
ASN CB   C  N N 45  
ASN CG   C  N N 46  
ASN OD1  O  N N 47  
ASN ND2  N  N N 48  
ASN OXT  O  N N 49  
ASN H    H  N N 50  
ASN H2   H  N N 51  
ASN HA   H  N N 52  
ASN HB2  H  N N 53  
ASN HB3  H  N N 54  
ASN HD21 H  N N 55  
ASN HD22 H  N N 56  
ASN HXT  H  N N 57  
ASP N    N  N N 58  
ASP CA   C  N S 59  
ASP C    C  N N 60  
ASP O    O  N N 61  
ASP CB   C  N N 62  
ASP CG   C  N N 63  
ASP OD1  O  N N 64  
ASP OD2  O  N N 65  
ASP OXT  O  N N 66  
ASP H    H  N N 67  
ASP H2   H  N N 68  
ASP HA   H  N N 69  
ASP HB2  H  N N 70  
ASP HB3  H  N N 71  
ASP HD2  H  N N 72  
ASP HXT  H  N N 73  
GLN N    N  N N 74  
GLN CA   C  N S 75  
GLN C    C  N N 76  
GLN O    O  N N 77  
GLN CB   C  N N 78  
GLN CG   C  N N 79  
GLN CD   C  N N 80  
GLN OE1  O  N N 81  
GLN NE2  N  N N 82  
GLN OXT  O  N N 83  
GLN H    H  N N 84  
GLN H2   H  N N 85  
GLN HA   H  N N 86  
GLN HB2  H  N N 87  
GLN HB3  H  N N 88  
GLN HG2  H  N N 89  
GLN HG3  H  N N 90  
GLN HE21 H  N N 91  
GLN HE22 H  N N 92  
GLN HXT  H  N N 93  
GLU N    N  N N 94  
GLU CA   C  N S 95  
GLU C    C  N N 96  
GLU O    O  N N 97  
GLU CB   C  N N 98  
GLU CG   C  N N 99  
GLU CD   C  N N 100 
GLU OE1  O  N N 101 
GLU OE2  O  N N 102 
GLU OXT  O  N N 103 
GLU H    H  N N 104 
GLU H2   H  N N 105 
GLU HA   H  N N 106 
GLU HB2  H  N N 107 
GLU HB3  H  N N 108 
GLU HG2  H  N N 109 
GLU HG3  H  N N 110 
GLU HE2  H  N N 111 
GLU HXT  H  N N 112 
GLY N    N  N N 113 
GLY CA   C  N N 114 
GLY C    C  N N 115 
GLY O    O  N N 116 
GLY OXT  O  N N 117 
GLY H    H  N N 118 
GLY H2   H  N N 119 
GLY HA2  H  N N 120 
GLY HA3  H  N N 121 
GLY HXT  H  N N 122 
GOL C1   C  N N 123 
GOL O1   O  N N 124 
GOL C2   C  N N 125 
GOL O2   O  N N 126 
GOL C3   C  N N 127 
GOL O3   O  N N 128 
GOL H11  H  N N 129 
GOL H12  H  N N 130 
GOL HO1  H  N N 131 
GOL H2   H  N N 132 
GOL HO2  H  N N 133 
GOL H31  H  N N 134 
GOL H32  H  N N 135 
GOL HO3  H  N N 136 
HIS N    N  N N 137 
HIS CA   C  N S 138 
HIS C    C  N N 139 
HIS O    O  N N 140 
HIS CB   C  N N 141 
HIS CG   C  Y N 142 
HIS ND1  N  Y N 143 
HIS CD2  C  Y N 144 
HIS CE1  C  Y N 145 
HIS NE2  N  Y N 146 
HIS OXT  O  N N 147 
HIS H    H  N N 148 
HIS H2   H  N N 149 
HIS HA   H  N N 150 
HIS HB2  H  N N 151 
HIS HB3  H  N N 152 
HIS HD1  H  N N 153 
HIS HD2  H  N N 154 
HIS HE1  H  N N 155 
HIS HE2  H  N N 156 
HIS HXT  H  N N 157 
HOH O    O  N N 158 
HOH H1   H  N N 159 
HOH H2   H  N N 160 
ILE N    N  N N 161 
ILE CA   C  N S 162 
ILE C    C  N N 163 
ILE O    O  N N 164 
ILE CB   C  N S 165 
ILE CG1  C  N N 166 
ILE CG2  C  N N 167 
ILE CD1  C  N N 168 
ILE OXT  O  N N 169 
ILE H    H  N N 170 
ILE H2   H  N N 171 
ILE HA   H  N N 172 
ILE HB   H  N N 173 
ILE HG12 H  N N 174 
ILE HG13 H  N N 175 
ILE HG21 H  N N 176 
ILE HG22 H  N N 177 
ILE HG23 H  N N 178 
ILE HD11 H  N N 179 
ILE HD12 H  N N 180 
ILE HD13 H  N N 181 
ILE HXT  H  N N 182 
LEU N    N  N N 183 
LEU CA   C  N S 184 
LEU C    C  N N 185 
LEU O    O  N N 186 
LEU CB   C  N N 187 
LEU CG   C  N N 188 
LEU CD1  C  N N 189 
LEU CD2  C  N N 190 
LEU OXT  O  N N 191 
LEU H    H  N N 192 
LEU H2   H  N N 193 
LEU HA   H  N N 194 
LEU HB2  H  N N 195 
LEU HB3  H  N N 196 
LEU HG   H  N N 197 
LEU HD11 H  N N 198 
LEU HD12 H  N N 199 
LEU HD13 H  N N 200 
LEU HD21 H  N N 201 
LEU HD22 H  N N 202 
LEU HD23 H  N N 203 
LEU HXT  H  N N 204 
LYS N    N  N N 205 
LYS CA   C  N S 206 
LYS C    C  N N 207 
LYS O    O  N N 208 
LYS CB   C  N N 209 
LYS CG   C  N N 210 
LYS CD   C  N N 211 
LYS CE   C  N N 212 
LYS NZ   N  N N 213 
LYS OXT  O  N N 214 
LYS H    H  N N 215 
LYS H2   H  N N 216 
LYS HA   H  N N 217 
LYS HB2  H  N N 218 
LYS HB3  H  N N 219 
LYS HG2  H  N N 220 
LYS HG3  H  N N 221 
LYS HD2  H  N N 222 
LYS HD3  H  N N 223 
LYS HE2  H  N N 224 
LYS HE3  H  N N 225 
LYS HZ1  H  N N 226 
LYS HZ2  H  N N 227 
LYS HZ3  H  N N 228 
LYS HXT  H  N N 229 
MET N    N  N N 230 
MET CA   C  N S 231 
MET C    C  N N 232 
MET O    O  N N 233 
MET CB   C  N N 234 
MET CG   C  N N 235 
MET SD   S  N N 236 
MET CE   C  N N 237 
MET OXT  O  N N 238 
MET H    H  N N 239 
MET H2   H  N N 240 
MET HA   H  N N 241 
MET HB2  H  N N 242 
MET HB3  H  N N 243 
MET HG2  H  N N 244 
MET HG3  H  N N 245 
MET HE1  H  N N 246 
MET HE2  H  N N 247 
MET HE3  H  N N 248 
MET HXT  H  N N 249 
MSE N    N  N N 250 
MSE CA   C  N S 251 
MSE C    C  N N 252 
MSE O    O  N N 253 
MSE OXT  O  N N 254 
MSE CB   C  N N 255 
MSE CG   C  N N 256 
MSE SE   SE N N 257 
MSE CE   C  N N 258 
MSE H    H  N N 259 
MSE H2   H  N N 260 
MSE HA   H  N N 261 
MSE HXT  H  N N 262 
MSE HB2  H  N N 263 
MSE HB3  H  N N 264 
MSE HG2  H  N N 265 
MSE HG3  H  N N 266 
MSE HE1  H  N N 267 
MSE HE2  H  N N 268 
MSE HE3  H  N N 269 
PHE N    N  N N 270 
PHE CA   C  N S 271 
PHE C    C  N N 272 
PHE O    O  N N 273 
PHE CB   C  N N 274 
PHE CG   C  Y N 275 
PHE CD1  C  Y N 276 
PHE CD2  C  Y N 277 
PHE CE1  C  Y N 278 
PHE CE2  C  Y N 279 
PHE CZ   C  Y N 280 
PHE OXT  O  N N 281 
PHE H    H  N N 282 
PHE H2   H  N N 283 
PHE HA   H  N N 284 
PHE HB2  H  N N 285 
PHE HB3  H  N N 286 
PHE HD1  H  N N 287 
PHE HD2  H  N N 288 
PHE HE1  H  N N 289 
PHE HE2  H  N N 290 
PHE HZ   H  N N 291 
PHE HXT  H  N N 292 
PRO N    N  N N 293 
PRO CA   C  N S 294 
PRO C    C  N N 295 
PRO O    O  N N 296 
PRO CB   C  N N 297 
PRO CG   C  N N 298 
PRO CD   C  N N 299 
PRO OXT  O  N N 300 
PRO H    H  N N 301 
PRO HA   H  N N 302 
PRO HB2  H  N N 303 
PRO HB3  H  N N 304 
PRO HG2  H  N N 305 
PRO HG3  H  N N 306 
PRO HD2  H  N N 307 
PRO HD3  H  N N 308 
PRO HXT  H  N N 309 
SER N    N  N N 310 
SER CA   C  N S 311 
SER C    C  N N 312 
SER O    O  N N 313 
SER CB   C  N N 314 
SER OG   O  N N 315 
SER OXT  O  N N 316 
SER H    H  N N 317 
SER H2   H  N N 318 
SER HA   H  N N 319 
SER HB2  H  N N 320 
SER HB3  H  N N 321 
SER HG   H  N N 322 
SER HXT  H  N N 323 
SO4 S    S  N N 324 
SO4 O1   O  N N 325 
SO4 O2   O  N N 326 
SO4 O3   O  N N 327 
SO4 O4   O  N N 328 
THR N    N  N N 329 
THR CA   C  N S 330 
THR C    C  N N 331 
THR O    O  N N 332 
THR CB   C  N R 333 
THR OG1  O  N N 334 
THR CG2  C  N N 335 
THR OXT  O  N N 336 
THR H    H  N N 337 
THR H2   H  N N 338 
THR HA   H  N N 339 
THR HB   H  N N 340 
THR HG1  H  N N 341 
THR HG21 H  N N 342 
THR HG22 H  N N 343 
THR HG23 H  N N 344 
THR HXT  H  N N 345 
TRP N    N  N N 346 
TRP CA   C  N S 347 
TRP C    C  N N 348 
TRP O    O  N N 349 
TRP CB   C  N N 350 
TRP CG   C  Y N 351 
TRP CD1  C  Y N 352 
TRP CD2  C  Y N 353 
TRP NE1  N  Y N 354 
TRP CE2  C  Y N 355 
TRP CE3  C  Y N 356 
TRP CZ2  C  Y N 357 
TRP CZ3  C  Y N 358 
TRP CH2  C  Y N 359 
TRP OXT  O  N N 360 
TRP H    H  N N 361 
TRP H2   H  N N 362 
TRP HA   H  N N 363 
TRP HB2  H  N N 364 
TRP HB3  H  N N 365 
TRP HD1  H  N N 366 
TRP HE1  H  N N 367 
TRP HE3  H  N N 368 
TRP HZ2  H  N N 369 
TRP HZ3  H  N N 370 
TRP HH2  H  N N 371 
TRP HXT  H  N N 372 
TYR N    N  N N 373 
TYR CA   C  N S 374 
TYR C    C  N N 375 
TYR O    O  N N 376 
TYR CB   C  N N 377 
TYR CG   C  Y N 378 
TYR CD1  C  Y N 379 
TYR CD2  C  Y N 380 
TYR CE1  C  Y N 381 
TYR CE2  C  Y N 382 
TYR CZ   C  Y N 383 
TYR OH   O  N N 384 
TYR OXT  O  N N 385 
TYR H    H  N N 386 
TYR H2   H  N N 387 
TYR HA   H  N N 388 
TYR HB2  H  N N 389 
TYR HB3  H  N N 390 
TYR HD1  H  N N 391 
TYR HD2  H  N N 392 
TYR HE1  H  N N 393 
TYR HE2  H  N N 394 
TYR HH   H  N N 395 
TYR HXT  H  N N 396 
VAL N    N  N N 397 
VAL CA   C  N S 398 
VAL C    C  N N 399 
VAL O    O  N N 400 
VAL CB   C  N N 401 
VAL CG1  C  N N 402 
VAL CG2  C  N N 403 
VAL OXT  O  N N 404 
VAL H    H  N N 405 
VAL H2   H  N N 406 
VAL HA   H  N N 407 
VAL HB   H  N N 408 
VAL HG11 H  N N 409 
VAL HG12 H  N N 410 
VAL HG13 H  N N 411 
VAL HG21 H  N N 412 
VAL HG22 H  N N 413 
VAL HG23 H  N N 414 
VAL HXT  H  N N 415 
# 
loop_
_chem_comp_bond.comp_id 
_chem_comp_bond.atom_id_1 
_chem_comp_bond.atom_id_2 
_chem_comp_bond.value_order 
_chem_comp_bond.pdbx_aromatic_flag 
_chem_comp_bond.pdbx_stereo_config 
_chem_comp_bond.pdbx_ordinal 
ALA N   CA   sing N N 1   
ALA N   H    sing N N 2   
ALA N   H2   sing N N 3   
ALA CA  C    sing N N 4   
ALA CA  CB   sing N N 5   
ALA CA  HA   sing N N 6   
ALA C   O    doub N N 7   
ALA C   OXT  sing N N 8   
ALA CB  HB1  sing N N 9   
ALA CB  HB2  sing N N 10  
ALA CB  HB3  sing N N 11  
ALA OXT HXT  sing N N 12  
ARG N   CA   sing N N 13  
ARG N   H    sing N N 14  
ARG N   H2   sing N N 15  
ARG CA  C    sing N N 16  
ARG CA  CB   sing N N 17  
ARG CA  HA   sing N N 18  
ARG C   O    doub N N 19  
ARG C   OXT  sing N N 20  
ARG CB  CG   sing N N 21  
ARG CB  HB2  sing N N 22  
ARG CB  HB3  sing N N 23  
ARG CG  CD   sing N N 24  
ARG CG  HG2  sing N N 25  
ARG CG  HG3  sing N N 26  
ARG CD  NE   sing N N 27  
ARG CD  HD2  sing N N 28  
ARG CD  HD3  sing N N 29  
ARG NE  CZ   sing N N 30  
ARG NE  HE   sing N N 31  
ARG CZ  NH1  sing N N 32  
ARG CZ  NH2  doub N N 33  
ARG NH1 HH11 sing N N 34  
ARG NH1 HH12 sing N N 35  
ARG NH2 HH21 sing N N 36  
ARG NH2 HH22 sing N N 37  
ARG OXT HXT  sing N N 38  
ASN N   CA   sing N N 39  
ASN N   H    sing N N 40  
ASN N   H2   sing N N 41  
ASN CA  C    sing N N 42  
ASN CA  CB   sing N N 43  
ASN CA  HA   sing N N 44  
ASN C   O    doub N N 45  
ASN C   OXT  sing N N 46  
ASN CB  CG   sing N N 47  
ASN CB  HB2  sing N N 48  
ASN CB  HB3  sing N N 49  
ASN CG  OD1  doub N N 50  
ASN CG  ND2  sing N N 51  
ASN ND2 HD21 sing N N 52  
ASN ND2 HD22 sing N N 53  
ASN OXT HXT  sing N N 54  
ASP N   CA   sing N N 55  
ASP N   H    sing N N 56  
ASP N   H2   sing N N 57  
ASP CA  C    sing N N 58  
ASP CA  CB   sing N N 59  
ASP CA  HA   sing N N 60  
ASP C   O    doub N N 61  
ASP C   OXT  sing N N 62  
ASP CB  CG   sing N N 63  
ASP CB  HB2  sing N N 64  
ASP CB  HB3  sing N N 65  
ASP CG  OD1  doub N N 66  
ASP CG  OD2  sing N N 67  
ASP OD2 HD2  sing N N 68  
ASP OXT HXT  sing N N 69  
GLN N   CA   sing N N 70  
GLN N   H    sing N N 71  
GLN N   H2   sing N N 72  
GLN CA  C    sing N N 73  
GLN CA  CB   sing N N 74  
GLN CA  HA   sing N N 75  
GLN C   O    doub N N 76  
GLN C   OXT  sing N N 77  
GLN CB  CG   sing N N 78  
GLN CB  HB2  sing N N 79  
GLN CB  HB3  sing N N 80  
GLN CG  CD   sing N N 81  
GLN CG  HG2  sing N N 82  
GLN CG  HG3  sing N N 83  
GLN CD  OE1  doub N N 84  
GLN CD  NE2  sing N N 85  
GLN NE2 HE21 sing N N 86  
GLN NE2 HE22 sing N N 87  
GLN OXT HXT  sing N N 88  
GLU N   CA   sing N N 89  
GLU N   H    sing N N 90  
GLU N   H2   sing N N 91  
GLU CA  C    sing N N 92  
GLU CA  CB   sing N N 93  
GLU CA  HA   sing N N 94  
GLU C   O    doub N N 95  
GLU C   OXT  sing N N 96  
GLU CB  CG   sing N N 97  
GLU CB  HB2  sing N N 98  
GLU CB  HB3  sing N N 99  
GLU CG  CD   sing N N 100 
GLU CG  HG2  sing N N 101 
GLU CG  HG3  sing N N 102 
GLU CD  OE1  doub N N 103 
GLU CD  OE2  sing N N 104 
GLU OE2 HE2  sing N N 105 
GLU OXT HXT  sing N N 106 
GLY N   CA   sing N N 107 
GLY N   H    sing N N 108 
GLY N   H2   sing N N 109 
GLY CA  C    sing N N 110 
GLY CA  HA2  sing N N 111 
GLY CA  HA3  sing N N 112 
GLY C   O    doub N N 113 
GLY C   OXT  sing N N 114 
GLY OXT HXT  sing N N 115 
GOL C1  O1   sing N N 116 
GOL C1  C2   sing N N 117 
GOL C1  H11  sing N N 118 
GOL C1  H12  sing N N 119 
GOL O1  HO1  sing N N 120 
GOL C2  O2   sing N N 121 
GOL C2  C3   sing N N 122 
GOL C2  H2   sing N N 123 
GOL O2  HO2  sing N N 124 
GOL C3  O3   sing N N 125 
GOL C3  H31  sing N N 126 
GOL C3  H32  sing N N 127 
GOL O3  HO3  sing N N 128 
HIS N   CA   sing N N 129 
HIS N   H    sing N N 130 
HIS N   H2   sing N N 131 
HIS CA  C    sing N N 132 
HIS CA  CB   sing N N 133 
HIS CA  HA   sing N N 134 
HIS C   O    doub N N 135 
HIS C   OXT  sing N N 136 
HIS CB  CG   sing N N 137 
HIS CB  HB2  sing N N 138 
HIS CB  HB3  sing N N 139 
HIS CG  ND1  sing Y N 140 
HIS CG  CD2  doub Y N 141 
HIS ND1 CE1  doub Y N 142 
HIS ND1 HD1  sing N N 143 
HIS CD2 NE2  sing Y N 144 
HIS CD2 HD2  sing N N 145 
HIS CE1 NE2  sing Y N 146 
HIS CE1 HE1  sing N N 147 
HIS NE2 HE2  sing N N 148 
HIS OXT HXT  sing N N 149 
HOH O   H1   sing N N 150 
HOH O   H2   sing N N 151 
ILE N   CA   sing N N 152 
ILE N   H    sing N N 153 
ILE N   H2   sing N N 154 
ILE CA  C    sing N N 155 
ILE CA  CB   sing N N 156 
ILE CA  HA   sing N N 157 
ILE C   O    doub N N 158 
ILE C   OXT  sing N N 159 
ILE CB  CG1  sing N N 160 
ILE CB  CG2  sing N N 161 
ILE CB  HB   sing N N 162 
ILE CG1 CD1  sing N N 163 
ILE CG1 HG12 sing N N 164 
ILE CG1 HG13 sing N N 165 
ILE CG2 HG21 sing N N 166 
ILE CG2 HG22 sing N N 167 
ILE CG2 HG23 sing N N 168 
ILE CD1 HD11 sing N N 169 
ILE CD1 HD12 sing N N 170 
ILE CD1 HD13 sing N N 171 
ILE OXT HXT  sing N N 172 
LEU N   CA   sing N N 173 
LEU N   H    sing N N 174 
LEU N   H2   sing N N 175 
LEU CA  C    sing N N 176 
LEU CA  CB   sing N N 177 
LEU CA  HA   sing N N 178 
LEU C   O    doub N N 179 
LEU C   OXT  sing N N 180 
LEU CB  CG   sing N N 181 
LEU CB  HB2  sing N N 182 
LEU CB  HB3  sing N N 183 
LEU CG  CD1  sing N N 184 
LEU CG  CD2  sing N N 185 
LEU CG  HG   sing N N 186 
LEU CD1 HD11 sing N N 187 
LEU CD1 HD12 sing N N 188 
LEU CD1 HD13 sing N N 189 
LEU CD2 HD21 sing N N 190 
LEU CD2 HD22 sing N N 191 
LEU CD2 HD23 sing N N 192 
LEU OXT HXT  sing N N 193 
LYS N   CA   sing N N 194 
LYS N   H    sing N N 195 
LYS N   H2   sing N N 196 
LYS CA  C    sing N N 197 
LYS CA  CB   sing N N 198 
LYS CA  HA   sing N N 199 
LYS C   O    doub N N 200 
LYS C   OXT  sing N N 201 
LYS CB  CG   sing N N 202 
LYS CB  HB2  sing N N 203 
LYS CB  HB3  sing N N 204 
LYS CG  CD   sing N N 205 
LYS CG  HG2  sing N N 206 
LYS CG  HG3  sing N N 207 
LYS CD  CE   sing N N 208 
LYS CD  HD2  sing N N 209 
LYS CD  HD3  sing N N 210 
LYS CE  NZ   sing N N 211 
LYS CE  HE2  sing N N 212 
LYS CE  HE3  sing N N 213 
LYS NZ  HZ1  sing N N 214 
LYS NZ  HZ2  sing N N 215 
LYS NZ  HZ3  sing N N 216 
LYS OXT HXT  sing N N 217 
MET N   CA   sing N N 218 
MET N   H    sing N N 219 
MET N   H2   sing N N 220 
MET CA  C    sing N N 221 
MET CA  CB   sing N N 222 
MET CA  HA   sing N N 223 
MET C   O    doub N N 224 
MET C   OXT  sing N N 225 
MET CB  CG   sing N N 226 
MET CB  HB2  sing N N 227 
MET CB  HB3  sing N N 228 
MET CG  SD   sing N N 229 
MET CG  HG2  sing N N 230 
MET CG  HG3  sing N N 231 
MET SD  CE   sing N N 232 
MET CE  HE1  sing N N 233 
MET CE  HE2  sing N N 234 
MET CE  HE3  sing N N 235 
MET OXT HXT  sing N N 236 
MSE N   CA   sing N N 237 
MSE N   H    sing N N 238 
MSE N   H2   sing N N 239 
MSE CA  C    sing N N 240 
MSE CA  CB   sing N N 241 
MSE CA  HA   sing N N 242 
MSE C   O    doub N N 243 
MSE C   OXT  sing N N 244 
MSE OXT HXT  sing N N 245 
MSE CB  CG   sing N N 246 
MSE CB  HB2  sing N N 247 
MSE CB  HB3  sing N N 248 
MSE CG  SE   sing N N 249 
MSE CG  HG2  sing N N 250 
MSE CG  HG3  sing N N 251 
MSE SE  CE   sing N N 252 
MSE CE  HE1  sing N N 253 
MSE CE  HE2  sing N N 254 
MSE CE  HE3  sing N N 255 
PHE N   CA   sing N N 256 
PHE N   H    sing N N 257 
PHE N   H2   sing N N 258 
PHE CA  C    sing N N 259 
PHE CA  CB   sing N N 260 
PHE CA  HA   sing N N 261 
PHE C   O    doub N N 262 
PHE C   OXT  sing N N 263 
PHE CB  CG   sing N N 264 
PHE CB  HB2  sing N N 265 
PHE CB  HB3  sing N N 266 
PHE CG  CD1  doub Y N 267 
PHE CG  CD2  sing Y N 268 
PHE CD1 CE1  sing Y N 269 
PHE CD1 HD1  sing N N 270 
PHE CD2 CE2  doub Y N 271 
PHE CD2 HD2  sing N N 272 
PHE CE1 CZ   doub Y N 273 
PHE CE1 HE1  sing N N 274 
PHE CE2 CZ   sing Y N 275 
PHE CE2 HE2  sing N N 276 
PHE CZ  HZ   sing N N 277 
PHE OXT HXT  sing N N 278 
PRO N   CA   sing N N 279 
PRO N   CD   sing N N 280 
PRO N   H    sing N N 281 
PRO CA  C    sing N N 282 
PRO CA  CB   sing N N 283 
PRO CA  HA   sing N N 284 
PRO C   O    doub N N 285 
PRO C   OXT  sing N N 286 
PRO CB  CG   sing N N 287 
PRO CB  HB2  sing N N 288 
PRO CB  HB3  sing N N 289 
PRO CG  CD   sing N N 290 
PRO CG  HG2  sing N N 291 
PRO CG  HG3  sing N N 292 
PRO CD  HD2  sing N N 293 
PRO CD  HD3  sing N N 294 
PRO OXT HXT  sing N N 295 
SER N   CA   sing N N 296 
SER N   H    sing N N 297 
SER N   H2   sing N N 298 
SER CA  C    sing N N 299 
SER CA  CB   sing N N 300 
SER CA  HA   sing N N 301 
SER C   O    doub N N 302 
SER C   OXT  sing N N 303 
SER CB  OG   sing N N 304 
SER CB  HB2  sing N N 305 
SER CB  HB3  sing N N 306 
SER OG  HG   sing N N 307 
SER OXT HXT  sing N N 308 
SO4 S   O1   doub N N 309 
SO4 S   O2   doub N N 310 
SO4 S   O3   sing N N 311 
SO4 S   O4   sing N N 312 
THR N   CA   sing N N 313 
THR N   H    sing N N 314 
THR N   H2   sing N N 315 
THR CA  C    sing N N 316 
THR CA  CB   sing N N 317 
THR CA  HA   sing N N 318 
THR C   O    doub N N 319 
THR C   OXT  sing N N 320 
THR CB  OG1  sing N N 321 
THR CB  CG2  sing N N 322 
THR CB  HB   sing N N 323 
THR OG1 HG1  sing N N 324 
THR CG2 HG21 sing N N 325 
THR CG2 HG22 sing N N 326 
THR CG2 HG23 sing N N 327 
THR OXT HXT  sing N N 328 
TRP N   CA   sing N N 329 
TRP N   H    sing N N 330 
TRP N   H2   sing N N 331 
TRP CA  C    sing N N 332 
TRP CA  CB   sing N N 333 
TRP CA  HA   sing N N 334 
TRP C   O    doub N N 335 
TRP C   OXT  sing N N 336 
TRP CB  CG   sing N N 337 
TRP CB  HB2  sing N N 338 
TRP CB  HB3  sing N N 339 
TRP CG  CD1  doub Y N 340 
TRP CG  CD2  sing Y N 341 
TRP CD1 NE1  sing Y N 342 
TRP CD1 HD1  sing N N 343 
TRP CD2 CE2  doub Y N 344 
TRP CD2 CE3  sing Y N 345 
TRP NE1 CE2  sing Y N 346 
TRP NE1 HE1  sing N N 347 
TRP CE2 CZ2  sing Y N 348 
TRP CE3 CZ3  doub Y N 349 
TRP CE3 HE3  sing N N 350 
TRP CZ2 CH2  doub Y N 351 
TRP CZ2 HZ2  sing N N 352 
TRP CZ3 CH2  sing Y N 353 
TRP CZ3 HZ3  sing N N 354 
TRP CH2 HH2  sing N N 355 
TRP OXT HXT  sing N N 356 
TYR N   CA   sing N N 357 
TYR N   H    sing N N 358 
TYR N   H2   sing N N 359 
TYR CA  C    sing N N 360 
TYR CA  CB   sing N N 361 
TYR CA  HA   sing N N 362 
TYR C   O    doub N N 363 
TYR C   OXT  sing N N 364 
TYR CB  CG   sing N N 365 
TYR CB  HB2  sing N N 366 
TYR CB  HB3  sing N N 367 
TYR CG  CD1  doub Y N 368 
TYR CG  CD2  sing Y N 369 
TYR CD1 CE1  sing Y N 370 
TYR CD1 HD1  sing N N 371 
TYR CD2 CE2  doub Y N 372 
TYR CD2 HD2  sing N N 373 
TYR CE1 CZ   doub Y N 374 
TYR CE1 HE1  sing N N 375 
TYR CE2 CZ   sing Y N 376 
TYR CE2 HE2  sing N N 377 
TYR CZ  OH   sing N N 378 
TYR OH  HH   sing N N 379 
TYR OXT HXT  sing N N 380 
VAL N   CA   sing N N 381 
VAL N   H    sing N N 382 
VAL N   H2   sing N N 383 
VAL CA  C    sing N N 384 
VAL CA  CB   sing N N 385 
VAL CA  HA   sing N N 386 
VAL C   O    doub N N 387 
VAL C   OXT  sing N N 388 
VAL CB  CG1  sing N N 389 
VAL CB  CG2  sing N N 390 
VAL CB  HB   sing N N 391 
VAL CG1 HG11 sing N N 392 
VAL CG1 HG12 sing N N 393 
VAL CG1 HG13 sing N N 394 
VAL CG2 HG21 sing N N 395 
VAL CG2 HG22 sing N N 396 
VAL CG2 HG23 sing N N 397 
VAL OXT HXT  sing N N 398 
# 
_atom_sites.entry_id                    2PPX 
_atom_sites.fract_transf_matrix[1][1]   0.01450116 
_atom_sites.fract_transf_matrix[1][2]   0.00252713 
_atom_sites.fract_transf_matrix[1][3]   -0.00707891 
_atom_sites.fract_transf_matrix[2][1]   0.01164725 
_atom_sites.fract_transf_matrix[2][2]   -0.01141144 
_atom_sites.fract_transf_matrix[2][3]   0.00094207 
_atom_sites.fract_transf_matrix[3][1]   -0.00327132 
_atom_sites.fract_transf_matrix[3][2]   -0.00401034 
_atom_sites.fract_transf_matrix[3][3]   -0.00813297 
_atom_sites.fract_transf_vector[1]      0.653051 
_atom_sites.fract_transf_vector[2]      0.046589 
_atom_sites.fract_transf_vector[3]      0.117848 
# 
loop_
_atom_type.symbol 
C  
N  
O  
S  
SE 
# 
loop_
_atom_site.group_PDB 
_atom_site.id 
_atom_site.type_symbol 
_atom_site.label_atom_id 
_atom_site.label_alt_id 
_atom_site.label_comp_id 
_atom_site.label_asym_id 
_atom_site.label_entity_id 
_atom_site.label_seq_id 
_atom_site.pdbx_PDB_ins_code 
_atom_site.Cartn_x 
_atom_site.Cartn_y 
_atom_site.Cartn_z 
_atom_site.occupancy 
_atom_site.B_iso_or_equiv 
_atom_site.pdbx_formal_charge 
_atom_site.auth_seq_id 
_atom_site.auth_comp_id 
_atom_site.auth_asym_id 
_atom_site.auth_atom_id 
_atom_site.pdbx_PDB_model_num 
HETATM 1   N  N   . MSE A 1 32 ? 13.036  -6.130  2.025   1.00 72.77  ? 30  MSE A N   1 
HETATM 2   C  CA  . MSE A 1 32 ? 12.187  -4.915  2.011   1.00 72.45  ? 30  MSE A CA  1 
HETATM 3   C  C   . MSE A 1 32 ? 10.728  -5.203  2.389   1.00 70.56  ? 30  MSE A C   1 
HETATM 4   O  O   . MSE A 1 32 ? 10.232  -6.302  2.173   1.00 70.59  ? 30  MSE A O   1 
HETATM 5   C  CB  . MSE A 1 32 ? 12.319  -4.079  0.713   1.00 72.66  ? 30  MSE A CB  1 
HETATM 6   C  CG  . MSE A 1 32 ? 11.833  -4.693  -0.553  1.00 75.89  ? 30  MSE A CG  1 
HETATM 7   SE SE  . MSE A 1 32 ? 11.736  -3.387  -2.096  0.75 73.59  ? 30  MSE A SE  1 
HETATM 8   C  CE  . MSE A 1 32 ? 13.630  -3.022  -2.263  1.00 69.65  ? 30  MSE A CE  1 
ATOM   9   N  N   . PRO A 1 33 ? 10.081  -4.223  3.035   1.00 68.25  ? 31  PRO A N   1 
ATOM   10  C  CA  . PRO A 1 33 ? 8.710   -4.345  3.506   1.00 68.01  ? 31  PRO A CA  1 
ATOM   11  C  C   . PRO A 1 33 ? 7.773   -4.654  2.336   1.00 68.22  ? 31  PRO A C   1 
ATOM   12  O  O   . PRO A 1 33 ? 7.963   -4.119  1.231   1.00 67.43  ? 31  PRO A O   1 
ATOM   13  C  CB  . PRO A 1 33 ? 8.423   -2.955  4.082   1.00 67.09  ? 31  PRO A CB  1 
ATOM   14  C  CG  . PRO A 1 33 ? 9.775   -2.464  4.537   1.00 67.79  ? 31  PRO A CG  1 
ATOM   15  C  CD  . PRO A 1 33 ? 10.669  -2.920  3.394   1.00 67.81  ? 31  PRO A CD  1 
ATOM   16  N  N   A ARG A 1 34 ? 6.771   -5.490  2.594   0.50 68.29  ? 32  ARG A N   1 
ATOM   17  N  N   B ARG A 1 34 ? 6.765   -5.495  2.597   0.50 68.22  ? 32  ARG A N   1 
ATOM   18  C  CA  A ARG A 1 34 ? 5.854   -5.946  1.562   0.50 68.43  ? 32  ARG A CA  1 
ATOM   19  C  CA  B ARG A 1 34 ? 5.816   -5.959  1.583   0.50 68.33  ? 32  ARG A CA  1 
ATOM   20  C  C   A ARG A 1 34 ? 5.179   -4.792  0.823   0.50 67.42  ? 32  ARG A C   1 
ATOM   21  C  C   B ARG A 1 34 ? 5.178   -4.795  0.827   0.50 67.34  ? 32  ARG A C   1 
ATOM   22  O  O   A ARG A 1 34 ? 5.053   -4.838  -0.400  0.50 66.36  ? 32  ARG A O   1 
ATOM   23  O  O   B ARG A 1 34 ? 5.081   -4.835  -0.398  0.50 66.28  ? 32  ARG A O   1 
ATOM   24  C  CB  A ARG A 1 34 ? 4.792   -6.876  2.155   0.50 69.35  ? 32  ARG A CB  1 
ATOM   25  C  CB  B ARG A 1 34 ? 4.710   -6.842  2.208   0.50 69.11  ? 32  ARG A CB  1 
ATOM   26  C  CG  A ARG A 1 34 ? 5.273   -8.298  2.393   0.50 70.77  ? 32  ARG A CG  1 
ATOM   27  C  CG  B ARG A 1 34 ? 3.763   -7.530  1.200   0.50 70.45  ? 32  ARG A CG  1 
ATOM   28  C  CD  A ARG A 1 34 ? 4.056   -9.182  2.616   0.50 75.70  ? 32  ARG A CD  1 
ATOM   29  C  CD  B ARG A 1 34 ? 4.280   -8.905  0.706   0.50 74.67  ? 32  ARG A CD  1 
ATOM   30  N  NE  A ARG A 1 34 ? 4.385   -10.595 2.806   0.50 78.47  ? 32  ARG A NE  1 
ATOM   31  N  NE  B ARG A 1 34 ? 3.372   -9.518  -0.277  0.50 76.30  ? 32  ARG A NE  1 
ATOM   32  C  CZ  A ARG A 1 34 ? 3.494   -11.585 2.736   0.50 80.26  ? 32  ARG A CZ  1 
ATOM   33  C  CZ  B ARG A 1 34 ? 3.723   -9.942  -1.488  0.50 77.73  ? 32  ARG A CZ  1 
ATOM   34  N  NH1 A ARG A 1 34 ? 2.213   -11.329 2.481   0.50 80.28  ? 32  ARG A NH1 1 
ATOM   35  N  NH1 B ARG A 1 34 ? 4.989   -9.873  -1.901  0.50 78.42  ? 32  ARG A NH1 1 
ATOM   36  N  NH2 A ARG A 1 34 ? 3.885   -12.838 2.919   0.50 81.16  ? 32  ARG A NH2 1 
ATOM   37  N  NH2 B ARG A 1 34 ? 2.805   -10.470 -2.283  0.50 78.60  ? 32  ARG A NH2 1 
ATOM   38  N  N   . ILE A 1 35 ? 4.776   -3.756  1.553   1.00 66.23  ? 33  ILE A N   1 
ATOM   39  C  CA  . ILE A 1 35 ? 4.066   -2.615  0.935   1.00 66.11  ? 33  ILE A CA  1 
ATOM   40  C  C   . ILE A 1 35 ? 4.943   -1.952  -0.143  1.00 64.64  ? 33  ILE A C   1 
ATOM   41  O  O   . ILE A 1 35 ? 4.417   -1.512  -1.162  1.00 64.19  ? 33  ILE A O   1 
ATOM   42  C  CB  . ILE A 1 35 ? 3.516   -1.548  1.943   1.00 65.62  ? 33  ILE A CB  1 
ATOM   43  C  CG1 . ILE A 1 35 ? 2.664   -0.467  1.184   1.00 64.70  ? 33  ILE A CG1 1 
ATOM   44  C  CG2 . ILE A 1 35 ? 4.670   -1.009  2.803   1.00 66.19  ? 33  ILE A CG2 1 
ATOM   45  C  CD1 . ILE A 1 35 ? 1.776   0.467   2.043   1.00 68.60  ? 33  ILE A CD1 1 
ATOM   46  N  N   . LYS A 1 36 ? 6.251   -1.869  0.116   1.00 62.86  ? 34  LYS A N   1 
ATOM   47  C  CA  . LYS A 1 36 ? 7.191   -1.237  -0.813  1.00 63.22  ? 34  LYS A CA  1 
ATOM   48  C  C   . LYS A 1 36 ? 7.368   -2.087  -2.072  1.00 61.82  ? 34  LYS A C   1 
ATOM   49  O  O   . LYS A 1 36 ? 7.403   -1.547  -3.181  1.00 61.18  ? 34  LYS A O   1 
ATOM   50  C  CB  . LYS A 1 36 ? 8.559   -1.017  -0.150  1.00 63.41  ? 34  LYS A CB  1 
ATOM   51  C  CG  . LYS A 1 36 ? 9.513   -0.205  -0.979  1.00 64.96  ? 34  LYS A CG  1 
ATOM   52  C  CD  . LYS A 1 36 ? 10.744  0.126   -0.140  1.00 67.53  ? 34  LYS A CD  1 
ATOM   53  C  CE  . LYS A 1 36 ? 11.781  0.803   -0.966  1.00 70.69  ? 34  LYS A CE  1 
ATOM   54  N  NZ  . LYS A 1 36 ? 12.970  1.161   -0.109  1.00 74.38  ? 34  LYS A NZ  1 
ATOM   55  N  N   . ILE A 1 37 ? 7.472   -3.407  -1.891  1.00 60.62  ? 35  ILE A N   1 
ATOM   56  C  CA  . ILE A 1 37 ? 7.411   -4.377  -3.006  1.00 60.87  ? 35  ILE A CA  1 
ATOM   57  C  C   . ILE A 1 37 ? 6.168   -4.227  -3.879  1.00 60.82  ? 35  ILE A C   1 
ATOM   58  O  O   . ILE A 1 37 ? 6.248   -4.126  -5.112  1.00 58.42  ? 35  ILE A O   1 
ATOM   59  C  CB  . ILE A 1 37 ? 7.529   -5.846  -2.519  1.00 60.59  ? 35  ILE A CB  1 
ATOM   60  C  CG1 . ILE A 1 37 ? 8.852   -6.010  -1.740  1.00 62.21  ? 35  ILE A CG1 1 
ATOM   61  C  CG2 . ILE A 1 37 ? 7.503   -6.854  -3.749  1.00 59.51  ? 35  ILE A CG2 1 
ATOM   62  C  CD1 . ILE A 1 37 ? 9.075   -7.402  -1.148  1.00 62.57  ? 35  ILE A CD1 1 
ATOM   63  N  N   . ILE A 1 38 ? 5.015   -4.218  -3.222  1.00 59.91  ? 36  ILE A N   1 
ATOM   64  C  CA  . ILE A 1 38 ? 3.747   -4.137  -3.914  1.00 61.50  ? 36  ILE A CA  1 
ATOM   65  C  C   . ILE A 1 38 ? 3.666   -2.802  -4.667  1.00 60.44  ? 36  ILE A C   1 
ATOM   66  O  O   . ILE A 1 38 ? 3.344   -2.788  -5.834  1.00 58.97  ? 36  ILE A O   1 
ATOM   67  C  CB  . ILE A 1 38 ? 2.555   -4.239  -2.888  1.00 61.68  ? 36  ILE A CB  1 
ATOM   68  C  CG1 . ILE A 1 38 ? 2.485   -5.672  -2.294  1.00 62.90  ? 36  ILE A CG1 1 
ATOM   69  C  CG2 . ILE A 1 38 ? 1.229   -3.902  -3.574  1.00 62.70  ? 36  ILE A CG2 1 
ATOM   70  C  CD1 . ILE A 1 38 ? 1.631   -5.694  -0.997  1.00 63.86  ? 36  ILE A CD1 1 
ATOM   71  N  N   . ARG A 1 39 ? 3.960   -1.682  -3.977  1.00 60.06  ? 37  ARG A N   1 
ATOM   72  C  CA  . ARG A 1 39 ? 3.869   -0.367  -4.625  1.00 60.21  ? 37  ARG A CA  1 
ATOM   73  C  C   . ARG A 1 39 ? 4.787   -0.244  -5.848  1.00 59.58  ? 37  ARG A C   1 
ATOM   74  O  O   . ARG A 1 39 ? 4.378   0.226   -6.910  1.00 59.10  ? 37  ARG A O   1 
ATOM   75  C  CB  . ARG A 1 39 ? 4.194   0.757   -3.615  1.00 59.74  ? 37  ARG A CB  1 
ATOM   76  C  CG  . ARG A 1 39 ? 4.091   2.151   -4.236  1.00 61.38  ? 37  ARG A CG  1 
ATOM   77  C  CD  . ARG A 1 39 ? 4.446   3.239   -3.224  1.00 59.66  ? 37  ARG A CD  1 
ATOM   78  N  NE  . ARG A 1 39 ? 5.797   3.139   -2.669  1.00 60.62  ? 37  ARG A NE  1 
ATOM   79  C  CZ  . ARG A 1 39 ? 6.919   3.517   -3.288  1.00 62.21  ? 37  ARG A CZ  1 
ATOM   80  N  NH1 . ARG A 1 39 ? 6.884   3.996   -4.538  1.00 60.07  ? 37  ARG A NH1 1 
ATOM   81  N  NH2 . ARG A 1 39 ? 8.090   3.402   -2.658  1.00 60.84  ? 37  ARG A NH2 1 
ATOM   82  N  N   . ARG A 1 40 ? 6.046   -0.638  -5.692  1.00 59.28  ? 38  ARG A N   1 
ATOM   83  C  CA  . ARG A 1 40 ? 6.968   -0.616  -6.829  1.00 59.03  ? 38  ARG A CA  1 
ATOM   84  C  C   . ARG A 1 40 ? 6.547   -1.564  -7.940  1.00 59.24  ? 38  ARG A C   1 
ATOM   85  O  O   . ARG A 1 40 ? 6.735   -1.276  -9.134  1.00 58.50  ? 38  ARG A O   1 
ATOM   86  C  CB  . ARG A 1 40 ? 8.385   -0.923  -6.379  1.00 58.72  ? 38  ARG A CB  1 
ATOM   87  C  CG  . ARG A 1 40 ? 8.983   0.235   -5.614  1.00 59.37  ? 38  ARG A CG  1 
ATOM   88  C  CD  . ARG A 1 40 ? 10.433  -0.007  -5.327  1.00 59.02  ? 38  ARG A CD  1 
ATOM   89  N  NE  . ARG A 1 40 ? 11.027  1.183   -4.724  1.00 59.67  ? 38  ARG A NE  1 
ATOM   90  C  CZ  . ARG A 1 40 ? 12.259  1.268   -4.248  1.00 61.80  ? 38  ARG A CZ  1 
ATOM   91  N  NH1 . ARG A 1 40 ? 12.680  2.425   -3.722  1.00 63.09  ? 38  ARG A NH1 1 
ATOM   92  N  NH2 . ARG A 1 40 ? 13.065  0.209   -4.269  1.00 61.73  ? 38  ARG A NH2 1 
ATOM   93  N  N   . ALA A 1 41 ? 5.934   -2.683  -7.585  1.00 59.51  ? 39  ALA A N   1 
ATOM   94  C  CA  . ALA A 1 41 ? 5.522   -3.608  -8.643  1.00 60.31  ? 39  ALA A CA  1 
ATOM   95  C  C   . ALA A 1 41 ? 4.349   -3.070  -9.459  1.00 60.92  ? 39  ALA A C   1 
ATOM   96  O  O   . ALA A 1 41 ? 4.179   -3.434  -10.640 1.00 62.08  ? 39  ALA A O   1 
ATOM   97  C  CB  . ALA A 1 41 ? 5.217   -4.967  -8.083  1.00 61.36  ? 39  ALA A CB  1 
ATOM   98  N  N   . LEU A 1 42 ? 3.563   -2.203  -8.824  1.00 62.04  ? 40  LEU A N   1 
ATOM   99  C  CA  . LEU A 1 42 ? 2.463   -1.494  -9.471  1.00 62.53  ? 40  LEU A CA  1 
ATOM   100 C  C   . LEU A 1 42 ? 2.904   -0.181  -10.146 1.00 62.25  ? 40  LEU A C   1 
ATOM   101 O  O   . LEU A 1 42 ? 2.076   0.487   -10.758 1.00 62.22  ? 40  LEU A O   1 
ATOM   102 C  CB  . LEU A 1 42 ? 1.356   -1.195  -8.446  1.00 62.52  ? 40  LEU A CB  1 
ATOM   103 C  CG  . LEU A 1 42 ? 0.710   -2.396  -7.746  1.00 63.15  ? 40  LEU A CG  1 
ATOM   104 C  CD1 . LEU A 1 42 ? -0.360  -1.929  -6.754  1.00 62.82  ? 40  LEU A CD1 1 
ATOM   105 C  CD2 . LEU A 1 42 ? 0.148   -3.395  -8.766  1.00 66.55  ? 40  LEU A CD2 1 
ATOM   106 N  N   A LYS A 1 43 ? 4.189   0.169   -10.015 0.50 61.66  ? 41  LYS A N   1 
ATOM   107 N  N   B LYS A 1 43 ? 4.188   0.171   -10.018 0.50 61.71  ? 41  LYS A N   1 
ATOM   108 C  CA  A LYS A 1 43 ? 4.750   1.396   -10.596 0.50 61.58  ? 41  LYS A CA  1 
ATOM   109 C  CA  B LYS A 1 43 ? 4.749   1.397   -10.607 0.50 61.78  ? 41  LYS A CA  1 
ATOM   110 C  C   A LYS A 1 43 ? 4.043   2.668   -10.115 0.50 61.21  ? 41  LYS A C   1 
ATOM   111 C  C   B LYS A 1 43 ? 4.049   2.672   -10.116 0.50 61.28  ? 41  LYS A C   1 
ATOM   112 O  O   A LYS A 1 43 ? 3.759   3.577   -10.906 0.50 61.10  ? 41  LYS A O   1 
ATOM   113 O  O   B LYS A 1 43 ? 3.776   3.590   -10.900 0.50 61.18  ? 41  LYS A O   1 
ATOM   114 C  CB  A LYS A 1 43 ? 4.754   1.342   -12.133 0.50 61.35  ? 41  LYS A CB  1 
ATOM   115 C  CB  B LYS A 1 43 ? 4.742   1.340   -12.148 0.50 61.33  ? 41  LYS A CB  1 
ATOM   116 C  CG  A LYS A 1 43 ? 5.994   0.704   -12.745 0.50 61.93  ? 41  LYS A CG  1 
ATOM   117 C  CG  B LYS A 1 43 ? 5.827   0.461   -12.760 0.50 61.63  ? 41  LYS A CG  1 
ATOM   118 C  CD  A LYS A 1 43 ? 6.341   1.346   -14.092 0.50 64.84  ? 41  LYS A CD  1 
ATOM   119 C  CD  B LYS A 1 43 ? 5.986   0.702   -14.270 0.50 62.83  ? 41  LYS A CD  1 
ATOM   120 C  CE  A LYS A 1 43 ? 5.301   1.058   -15.173 0.50 64.72  ? 41  LYS A CE  1 
ATOM   121 C  CE  B LYS A 1 43 ? 6.951   1.868   -14.598 0.50 64.99  ? 41  LYS A CE  1 
ATOM   122 N  NZ  A LYS A 1 43 ? 5.703   1.569   -16.522 0.50 65.59  ? 41  LYS A NZ  1 
ATOM   123 N  NZ  B LYS A 1 43 ? 8.174   1.890   -13.719 0.50 65.49  ? 41  LYS A NZ  1 
ATOM   124 N  N   . LEU A 1 44 ? 3.768   2.723   -8.817  1.00 61.13  ? 42  LEU A N   1 
ATOM   125 C  CA  . LEU A 1 44 ? 3.118   3.872   -8.211  1.00 60.77  ? 42  LEU A CA  1 
ATOM   126 C  C   . LEU A 1 44 ? 4.093   4.579   -7.306  1.00 60.68  ? 42  LEU A C   1 
ATOM   127 O  O   . LEU A 1 44 ? 4.884   3.941   -6.609  1.00 60.73  ? 42  LEU A O   1 
ATOM   128 C  CB  . LEU A 1 44 ? 1.880   3.453   -7.405  1.00 60.76  ? 42  LEU A CB  1 
ATOM   129 C  CG  . LEU A 1 44 ? 0.801   2.807   -8.289  1.00 61.24  ? 42  LEU A CG  1 
ATOM   130 C  CD1 . LEU A 1 44 ? -0.338  2.305   -7.416  1.00 60.17  ? 42  LEU A CD1 1 
ATOM   131 C  CD2 . LEU A 1 44 ? 0.289   3.747   -9.417  1.00 61.91  ? 42  LEU A CD2 1 
ATOM   132 N  N   . THR A 1 45 ? 4.045   5.907   -7.313  1.00 60.33  ? 43  THR A N   1 
ATOM   133 C  CA  . THR A 1 45 ? 4.795   6.662   -6.322  1.00 59.84  ? 43  THR A CA  1 
ATOM   134 C  C   . THR A 1 45 ? 4.125   6.495   -4.953  1.00 60.04  ? 43  THR A C   1 
ATOM   135 O  O   . THR A 1 45 ? 2.994   5.984   -4.845  1.00 60.09  ? 43  THR A O   1 
ATOM   136 C  CB  . THR A 1 45 ? 4.828   8.173   -6.662  1.00 59.68  ? 43  THR A CB  1 
ATOM   137 O  OG1 . THR A 1 45 ? 3.511   8.699   -6.511  1.00 59.55  ? 43  THR A OG1 1 
ATOM   138 C  CG2 . THR A 1 45 ? 5.346   8.445   -8.093  1.00 58.73  ? 43  THR A CG2 1 
ATOM   139 N  N   . GLN A 1 46 ? 4.805   6.929   -3.900  1.00 59.93  ? 44  GLN A N   1 
ATOM   140 C  CA  . GLN A 1 46 ? 4.210   6.872   -2.561  1.00 61.04  ? 44  GLN A CA  1 
ATOM   141 C  C   . GLN A 1 46 ? 2.900   7.661   -2.492  1.00 61.33  ? 44  GLN A C   1 
ATOM   142 O  O   . GLN A 1 46 ? 1.909   7.185   -1.923  1.00 61.10  ? 44  GLN A O   1 
ATOM   143 C  CB  . GLN A 1 46 ? 5.190   7.357   -1.494  1.00 60.94  ? 44  GLN A CB  1 
ATOM   144 C  CG  . GLN A 1 46 ? 6.450   6.425   -1.340  1.00 61.12  ? 44  GLN A CG  1 
ATOM   145 C  CD  . GLN A 1 46 ? 7.378   6.918   -0.234  1.00 61.27  ? 44  GLN A CD  1 
ATOM   146 O  OE1 . GLN A 1 46 ? 7.532   8.116   -0.053  1.00 62.08  ? 44  GLN A OE1 1 
ATOM   147 N  NE2 . GLN A 1 46 ? 7.980   5.997   0.518   1.00 63.83  ? 44  GLN A NE2 1 
ATOM   148 N  N   . GLU A 1 47 ? 2.894   8.846   -3.096  1.00 60.99  ? 45  GLU A N   1 
ATOM   149 C  CA  A GLU A 1 47 ? 1.726   9.730   -3.171  0.50 61.50  ? 45  GLU A CA  1 
ATOM   150 C  CA  B GLU A 1 47 ? 1.697   9.674   -3.044  0.50 61.69  ? 45  GLU A CA  1 
ATOM   151 C  C   . GLU A 1 47 ? 0.543   9.060   -3.854  1.00 61.19  ? 45  GLU A C   1 
ATOM   152 O  O   . GLU A 1 47 ? -0.592  9.106   -3.388  1.00 62.19  ? 45  GLU A O   1 
ATOM   153 C  CB  A GLU A 1 47 ? 2.090   11.000  -3.968  0.50 61.43  ? 45  GLU A CB  1 
ATOM   154 C  CB  B GLU A 1 47 ? 1.985   11.167  -3.369  0.50 61.64  ? 45  GLU A CB  1 
ATOM   155 C  CG  A GLU A 1 47 ? 3.027   11.963  -3.246  0.50 61.14  ? 45  GLU A CG  1 
ATOM   156 C  CG  B GLU A 1 47 ? 2.828   11.862  -2.263  0.50 61.28  ? 45  GLU A CG  1 
ATOM   157 C  CD  A GLU A 1 47 ? 4.505   11.528  -3.188  0.50 61.88  ? 45  GLU A CD  1 
ATOM   158 C  CD  B GLU A 1 47 ? 3.207   13.314  -2.552  0.50 62.71  ? 45  GLU A CD  1 
ATOM   159 O  OE1 A GLU A 1 47 ? 5.242   12.267  -2.494  0.50 62.97  ? 45  GLU A OE1 1 
ATOM   160 O  OE1 B GLU A 1 47 ? 3.872   13.566  -3.583  0.50 63.53  ? 45  GLU A OE1 1 
ATOM   161 O  OE2 A GLU A 1 47 ? 4.936   10.499  -3.802  0.50 55.64  ? 45  GLU A OE2 1 
ATOM   162 O  OE2 B GLU A 1 47 ? 2.867   14.206  -1.728  0.50 63.68  ? 45  GLU A OE2 1 
ATOM   163 N  N   . GLU A 1 48 ? 0.827   8.457   -5.004  1.00 60.72  ? 46  GLU A N   1 
ATOM   164 C  CA  . GLU A 1 48 ? -0.199  7.773   -5.782  1.00 60.54  ? 46  GLU A CA  1 
ATOM   165 C  C   . GLU A 1 48 ? -0.802  6.578   -5.032  1.00 60.07  ? 46  GLU A C   1 
ATOM   166 O  O   . GLU A 1 48 ? -2.026  6.391   -5.020  1.00 58.25  ? 46  GLU A O   1 
ATOM   167 C  CB  . GLU A 1 48 ? 0.360   7.313   -7.133  1.00 60.66  ? 46  GLU A CB  1 
ATOM   168 C  CG  . GLU A 1 48 ? 0.711   8.472   -8.061  1.00 61.24  ? 46  GLU A CG  1 
ATOM   169 C  CD  . GLU A 1 48 ? 1.451   8.039   -9.317  1.00 61.31  ? 46  GLU A CD  1 
ATOM   170 O  OE1 . GLU A 1 48 ? 2.209   7.052   -9.296  1.00 60.74  ? 46  GLU A OE1 1 
ATOM   171 O  OE2 . GLU A 1 48 ? 1.269   8.705   -10.350 1.00 63.15  ? 46  GLU A OE2 1 
ATOM   172 N  N   . PHE A 1 49 ? 0.069   5.762   -4.440  1.00 60.07  ? 47  PHE A N   1 
ATOM   173 C  CA  . PHE A 1 49 ? -0.352  4.573   -3.713  1.00 60.04  ? 47  PHE A CA  1 
ATOM   174 C  C   . PHE A 1 49 ? -1.187  4.994   -2.503  1.00 59.92  ? 47  PHE A C   1 
ATOM   175 O  O   . PHE A 1 49 ? -2.266  4.437   -2.262  1.00 59.30  ? 47  PHE A O   1 
ATOM   176 C  CB  . PHE A 1 49 ? 0.879   3.718   -3.290  1.00 60.86  ? 47  PHE A CB  1 
ATOM   177 C  CG  . PHE A 1 49 ? 0.516   2.311   -2.805  1.00 60.12  ? 47  PHE A CG  1 
ATOM   178 C  CD1 . PHE A 1 49 ? 0.158   2.103   -1.471  1.00 63.29  ? 47  PHE A CD1 1 
ATOM   179 C  CD2 . PHE A 1 49 ? 0.512   1.233   -3.691  1.00 61.59  ? 47  PHE A CD2 1 
ATOM   180 C  CE1 . PHE A 1 49 ? -0.191  0.832   -1.008  1.00 63.25  ? 47  PHE A CE1 1 
ATOM   181 C  CE2 . PHE A 1 49 ? 0.180   -0.042  -3.261  1.00 62.99  ? 47  PHE A CE2 1 
ATOM   182 C  CZ  . PHE A 1 49 ? -0.173  -0.239  -1.893  1.00 60.70  ? 47  PHE A CZ  1 
ATOM   183 N  N   . SER A 1 50 ? -0.702  6.000   -1.759  1.00 59.67  ? 48  SER A N   1 
ATOM   184 C  CA  . SER A 1 50 ? -1.433  6.584   -0.633  1.00 60.10  ? 48  SER A CA  1 
ATOM   185 C  C   . SER A 1 50 ? -2.849  7.032   -1.008  1.00 60.62  ? 48  SER A C   1 
ATOM   186 O  O   . SER A 1 50 ? -3.813  6.658   -0.339  1.00 60.24  ? 48  SER A O   1 
ATOM   187 C  CB  . SER A 1 50 ? -0.633  7.733   0.017   1.00 59.91  ? 48  SER A CB  1 
ATOM   188 O  OG  . SER A 1 50 ? -1.414  8.439   0.976   1.00 60.16  ? 48  SER A OG  1 
ATOM   189 N  N   . ALA A 1 51 ? -2.992  7.768   -2.110  1.00 61.66  ? 49  ALA A N   1 
ATOM   190 C  CA  . ALA A 1 51 ? -4.302  8.265   -2.522  1.00 62.21  ? 49  ALA A CA  1 
ATOM   191 C  C   . ALA A 1 51 ? -5.183  7.139   -3.089  1.00 62.53  ? 49  ALA A C   1 
ATOM   192 O  O   . ALA A 1 51 ? -6.375  7.077   -2.794  1.00 62.91  ? 49  ALA A O   1 
ATOM   193 C  CB  . ALA A 1 51 ? -4.173  9.409   -3.560  1.00 62.13  ? 49  ALA A CB  1 
ATOM   194 N  N   . ARG A 1 52 ? -4.606  6.250   -3.884  1.00 61.54  ? 50  ARG A N   1 
ATOM   195 C  CA  . ARG A 1 52 ? -5.391  5.178   -4.500  1.00 62.39  ? 50  ARG A CA  1 
ATOM   196 C  C   . ARG A 1 52 ? -5.953  4.180   -3.465  1.00 62.27  ? 50  ARG A C   1 
ATOM   197 O  O   . ARG A 1 52 ? -7.104  3.719   -3.585  1.00 61.76  ? 50  ARG A O   1 
ATOM   198 C  CB  . ARG A 1 52 ? -4.557  4.448   -5.547  1.00 62.42  ? 50  ARG A CB  1 
ATOM   199 C  CG  . ARG A 1 52 ? -5.328  3.457   -6.371  1.00 63.87  ? 50  ARG A CG  1 
ATOM   200 C  CD  . ARG A 1 52 ? -4.484  2.970   -7.535  1.00 66.26  ? 50  ARG A CD  1 
ATOM   201 N  NE  . ARG A 1 52 ? -4.249  4.048   -8.494  1.00 68.15  ? 50  ARG A NE  1 
ATOM   202 C  CZ  . ARG A 1 52 ? -3.626  3.898   -9.663  1.00 70.41  ? 50  ARG A CZ  1 
ATOM   203 N  NH1 . ARG A 1 52 ? -3.172  2.711   -10.041 1.00 66.87  ? 50  ARG A NH1 1 
ATOM   204 N  NH2 . ARG A 1 52 ? -3.452  4.945   -10.451 1.00 70.64  ? 50  ARG A NH2 1 
ATOM   205 N  N   . TYR A 1 53 ? -5.155  3.882   -2.445  1.00 61.97  ? 51  TYR A N   1 
ATOM   206 C  CA  . TYR A 1 53 ? -5.510  2.847   -1.466  1.00 63.10  ? 51  TYR A CA  1 
ATOM   207 C  C   . TYR A 1 53 ? -5.864  3.338   -0.064  1.00 63.06  ? 51  TYR A C   1 
ATOM   208 O  O   . TYR A 1 53 ? -6.068  2.524   0.836   1.00 63.52  ? 51  TYR A O   1 
ATOM   209 C  CB  . TYR A 1 53 ? -4.423  1.745   -1.432  1.00 61.74  ? 51  TYR A CB  1 
ATOM   210 C  CG  . TYR A 1 53 ? -4.336  1.059   -2.773  1.00 62.24  ? 51  TYR A CG  1 
ATOM   211 C  CD1 . TYR A 1 53 ? -5.399  0.279   -3.250  1.00 61.48  ? 51  TYR A CD1 1 
ATOM   212 C  CD2 . TYR A 1 53 ? -3.215  1.221   -3.592  1.00 60.92  ? 51  TYR A CD2 1 
ATOM   213 C  CE1 . TYR A 1 53 ? -5.339  -0.336  -4.506  1.00 61.43  ? 51  TYR A CE1 1 
ATOM   214 C  CE2 . TYR A 1 53 ? -3.130  0.584   -4.854  1.00 61.45  ? 51  TYR A CE2 1 
ATOM   215 C  CZ  . TYR A 1 53 ? -4.217  -0.172  -5.297  1.00 62.12  ? 51  TYR A CZ  1 
ATOM   216 O  OH  . TYR A 1 53 ? -4.199  -0.780  -6.517  1.00 61.41  ? 51  TYR A OH  1 
ATOM   217 N  N   . HIS A 1 54 ? -5.973  4.662   0.099   1.00 63.58  ? 52  HIS A N   1 
ATOM   218 C  CA  . HIS A 1 54 ? -6.398  5.300   1.352   1.00 63.26  ? 52  HIS A CA  1 
ATOM   219 C  C   . HIS A 1 54 ? -5.522  4.926   2.544   1.00 63.44  ? 52  HIS A C   1 
ATOM   220 O  O   . HIS A 1 54 ? -6.015  4.597   3.629   1.00 63.26  ? 52  HIS A O   1 
ATOM   221 C  CB  . HIS A 1 54 ? -7.880  5.029   1.629   1.00 64.29  ? 52  HIS A CB  1 
ATOM   222 C  CG  . HIS A 1 54 ? -8.792  5.476   0.520   1.00 63.09  ? 52  HIS A CG  1 
ATOM   223 N  ND1 . HIS A 1 54 ? -10.008 6.067   0.753   1.00 66.52  ? 52  HIS A ND1 1 
ATOM   224 C  CD2 . HIS A 1 54 ? -8.631  5.474   -0.823  1.00 65.76  ? 52  HIS A CD2 1 
ATOM   225 C  CE1 . HIS A 1 54 ? -10.581 6.377   -0.399  1.00 66.22  ? 52  HIS A CE1 1 
ATOM   226 N  NE2 . HIS A 1 54 ? -9.766  6.026   -1.373  1.00 64.16  ? 52  HIS A NE2 1 
ATOM   227 N  N   . ILE A 1 55 ? -4.216  4.955   2.324   1.00 63.76  ? 53  ILE A N   1 
ATOM   228 C  CA  . ILE A 1 55 ? -3.249  4.750   3.413   1.00 63.65  ? 53  ILE A CA  1 
ATOM   229 C  C   . ILE A 1 55 ? -2.524  6.090   3.617   1.00 62.53  ? 53  ILE A C   1 
ATOM   230 O  O   . ILE A 1 55 ? -1.895  6.589   2.701   1.00 63.02  ? 53  ILE A O   1 
ATOM   231 C  CB  . ILE A 1 55 ? -2.264  3.647   3.085   1.00 64.18  ? 53  ILE A CB  1 
ATOM   232 C  CG1 . ILE A 1 55 ? -3.016  2.294   2.898   1.00 64.71  ? 53  ILE A CG1 1 
ATOM   233 C  CG2 . ILE A 1 55 ? -1.163  3.524   4.179   1.00 64.39  ? 53  ILE A CG2 1 
ATOM   234 C  CD1 . ILE A 1 55 ? -2.206  1.273   2.185   1.00 65.22  ? 53  ILE A CD1 1 
ATOM   235 N  N   . PRO A 1 56 ? -2.635  6.674   4.808   1.00 61.72  ? 54  PRO A N   1 
ATOM   236 C  CA  . PRO A 1 56 ? -2.041  8.016   5.032   1.00 60.94  ? 54  PRO A CA  1 
ATOM   237 C  C   . PRO A 1 56 ? -0.537  7.959   4.703   1.00 59.76  ? 54  PRO A C   1 
ATOM   238 O  O   . PRO A 1 56 ? 0.122   6.941   4.913   1.00 59.56  ? 54  PRO A O   1 
ATOM   239 C  CB  . PRO A 1 56 ? -2.293  8.279   6.533   1.00 61.59  ? 54  PRO A CB  1 
ATOM   240 C  CG  . PRO A 1 56 ? -3.454  7.380   6.879   1.00 62.52  ? 54  PRO A CG  1 
ATOM   241 C  CD  . PRO A 1 56 ? -3.261  6.124   6.026   1.00 62.02  ? 54  PRO A CD  1 
ATOM   242 N  N   . LEU A 1 57 ? -0.044  9.006   4.072   1.00 59.82  ? 55  LEU A N   1 
ATOM   243 C  CA  . LEU A 1 57 ? 1.268   8.991   3.458   1.00 59.93  ? 55  LEU A CA  1 
ATOM   244 C  C   . LEU A 1 57 ? 2.411   8.780   4.477   1.00 59.55  ? 55  LEU A C   1 
ATOM   245 O  O   . LEU A 1 57 ? 3.363   8.100   4.171   1.00 60.25  ? 55  LEU A O   1 
ATOM   246 C  CB  . LEU A 1 57 ? 1.466   10.314  2.719   1.00 59.43  ? 55  LEU A CB  1 
ATOM   247 C  CG  . LEU A 1 57 ? 2.753   10.552  1.957   1.00 61.19  ? 55  LEU A CG  1 
ATOM   248 C  CD1 . LEU A 1 57 ? 3.037   9.410   0.893   1.00 59.50  ? 55  LEU A CD1 1 
ATOM   249 C  CD2 . LEU A 1 57 ? 2.665   11.933  1.311   1.00 62.58  ? 55  LEU A CD2 1 
ATOM   250 N  N   . GLY A 1 58 ? 2.312   9.392   5.655   1.00 59.55  ? 56  GLY A N   1 
ATOM   251 C  CA  . GLY A 1 58 ? 3.342   9.245   6.680   1.00 60.19  ? 56  GLY A CA  1 
ATOM   252 C  C   . GLY A 1 58 ? 3.430   7.811   7.159   1.00 60.95  ? 56  GLY A C   1 
ATOM   253 O  O   . GLY A 1 58 ? 4.511   7.260   7.251   1.00 61.37  ? 56  GLY A O   1 
ATOM   254 N  N   . THR A 1 59 ? 2.285   7.195   7.439   1.00 61.40  ? 57  THR A N   1 
ATOM   255 C  CA  A THR A 1 59 ? 2.347   5.811   7.843   0.50 62.23  ? 57  THR A CA  1 
ATOM   256 C  CA  B THR A 1 59 ? 2.173   5.754   7.770   0.50 61.69  ? 57  THR A CA  1 
ATOM   257 C  C   . THR A 1 59 ? 2.840   4.848   6.722   1.00 62.17  ? 57  THR A C   1 
ATOM   258 O  O   . THR A 1 59 ? 3.597   3.921   7.030   1.00 62.72  ? 57  THR A O   1 
ATOM   259 C  CB  A THR A 1 59 ? 1.086   5.366   8.628   0.50 62.68  ? 57  THR A CB  1 
ATOM   260 C  CB  B THR A 1 59 ? 0.664   5.324   7.903   0.50 61.76  ? 57  THR A CB  1 
ATOM   261 O  OG1 A THR A 1 59 ? 1.423   4.242   9.440   0.50 64.62  ? 57  THR A OG1 1 
ATOM   262 O  OG1 B THR A 1 59 ? 0.102   5.892   9.093   0.50 59.99  ? 57  THR A OG1 1 
ATOM   263 C  CG2 A THR A 1 59 ? -0.087  5.031   7.705   0.50 61.16  ? 57  THR A CG2 1 
ATOM   264 C  CG2 B THR A 1 59 ? 0.509   3.797   7.966   0.50 61.74  ? 57  THR A CG2 1 
ATOM   265 N  N   . LEU A 1 60 ? 2.480   5.085   5.464   1.00 61.99  ? 58  LEU A N   1 
ATOM   266 C  CA  . LEU A 1 60 ? 3.047   4.351   4.329   1.00 61.64  ? 58  LEU A CA  1 
ATOM   267 C  C   . LEU A 1 60 ? 4.580   4.464   4.414   1.00 61.55  ? 58  LEU A C   1 
ATOM   268 O  O   . LEU A 1 60 ? 5.282   3.460   4.329   1.00 62.89  ? 58  LEU A O   1 
ATOM   269 C  CB  . LEU A 1 60 ? 2.530   4.920   2.986   1.00 60.83  ? 58  LEU A CB  1 
ATOM   270 C  CG  . LEU A 1 60 ? 2.995   4.248   1.672   1.00 63.46  ? 58  LEU A CG  1 
ATOM   271 C  CD1 . LEU A 1 60 ? 1.977   4.527   0.528   1.00 65.07  ? 58  LEU A CD1 1 
ATOM   272 C  CD2 . LEU A 1 60 ? 4.331   4.825   1.267   1.00 65.72  ? 58  LEU A CD2 1 
ATOM   273 N  N   . ARG A 1 61 ? 5.079   5.691   4.589   1.00 62.20  ? 59  ARG A N   1 
ATOM   274 C  CA  . ARG A 1 61 ? 6.521   5.919   4.652   1.00 61.97  ? 59  ARG A CA  1 
ATOM   275 C  C   . ARG A 1 61 ? 7.123   5.192   5.867   1.00 62.38  ? 59  ARG A C   1 
ATOM   276 O  O   . ARG A 1 61 ? 8.189   4.586   5.747   1.00 61.34  ? 59  ARG A O   1 
ATOM   277 C  CB  . ARG A 1 61 ? 6.840   7.429   4.674   1.00 61.40  ? 59  ARG A CB  1 
ATOM   278 C  CG  . ARG A 1 61 ? 6.663   8.055   3.272   1.00 60.54  ? 59  ARG A CG  1 
ATOM   279 C  CD  . ARG A 1 61 ? 6.610   9.571   3.342   1.00 62.53  ? 59  ARG A CD  1 
ATOM   280 N  NE  . ARG A 1 61 ? 6.584   10.114  1.989   1.00 63.91  ? 59  ARG A NE  1 
ATOM   281 C  CZ  . ARG A 1 61 ? 6.247   11.366  1.680   1.00 64.58  ? 59  ARG A CZ  1 
ATOM   282 N  NH1 . ARG A 1 61 ? 5.873   12.221  2.632   1.00 61.60  ? 59  ARG A NH1 1 
ATOM   283 N  NH2 . ARG A 1 61 ? 6.274   11.754  0.408   1.00 63.30  ? 59  ARG A NH2 1 
ATOM   284 N  N   . ASP A 1 62 ? 6.422   5.225   7.009   1.00 60.68  ? 60  ASP A N   1 
ATOM   285 C  CA  . ASP A 1 62 ? 6.928   4.485   8.175   1.00 61.71  ? 60  ASP A CA  1 
ATOM   286 C  C   . ASP A 1 62 ? 7.056   2.993   7.859   1.00 60.40  ? 60  ASP A C   1 
ATOM   287 O  O   . ASP A 1 62 ? 8.052   2.378   8.230   1.00 61.65  ? 60  ASP A O   1 
ATOM   288 C  CB  . ASP A 1 62 ? 6.040   4.628   9.405   1.00 59.77  ? 60  ASP A CB  1 
ATOM   289 C  CG  . ASP A 1 62 ? 6.178   5.964   10.099  1.00 61.45  ? 60  ASP A CG  1 
ATOM   290 O  OD1 . ASP A 1 62 ? 7.232   6.658   9.966   1.00 61.43  ? 60  ASP A OD1 1 
ATOM   291 O  OD2 . ASP A 1 62 ? 5.220   6.290   10.866  1.00 62.81  ? 60  ASP A OD2 1 
ATOM   292 N  N   . TRP A 1 63 ? 6.042   2.417   7.226   1.00 60.85  ? 61  TRP A N   1 
ATOM   293 C  CA  . TRP A 1 63 ? 6.067   0.996   6.911   1.00 62.26  ? 61  TRP A CA  1 
ATOM   294 C  C   . TRP A 1 63 ? 7.238   0.675   5.949   1.00 63.28  ? 61  TRP A C   1 
ATOM   295 O  O   . TRP A 1 63 ? 7.995   -0.294  6.169   1.00 63.36  ? 61  TRP A O   1 
ATOM   296 C  CB  . TRP A 1 63 ? 4.730   0.503   6.343   1.00 61.42  ? 61  TRP A CB  1 
ATOM   297 C  CG  . TRP A 1 63 ? 3.549   0.620   7.266   1.00 63.89  ? 61  TRP A CG  1 
ATOM   298 C  CD1 . TRP A 1 63 ? 3.562   0.873   8.627   1.00 63.43  ? 61  TRP A CD1 1 
ATOM   299 C  CD2 . TRP A 1 63 ? 2.171   0.528   6.890   1.00 63.14  ? 61  TRP A CD2 1 
ATOM   300 N  NE1 . TRP A 1 63 ? 2.275   0.932   9.090   1.00 64.84  ? 61  TRP A NE1 1 
ATOM   301 C  CE2 . TRP A 1 63 ? 1.406   0.691   8.063   1.00 65.27  ? 61  TRP A CE2 1 
ATOM   302 C  CE3 . TRP A 1 63 ? 1.517   0.277   5.679   1.00 64.22  ? 61  TRP A CE3 1 
ATOM   303 C  CZ2 . TRP A 1 63 ? 0.003   0.662   8.058   1.00 65.56  ? 61  TRP A CZ2 1 
ATOM   304 C  CZ3 . TRP A 1 63 ? 0.125   0.221   5.675   1.00 66.34  ? 61  TRP A CZ3 1 
ATOM   305 C  CH2 . TRP A 1 63 ? -0.612  0.435   6.863   1.00 63.38  ? 61  TRP A CH2 1 
ATOM   306 N  N   . GLU A 1 64 ? 7.402   1.512   4.920   1.00 63.66  ? 62  GLU A N   1 
ATOM   307 C  CA  . GLU A 1 64 ? 8.451   1.296   3.897   1.00 64.87  ? 62  GLU A CA  1 
ATOM   308 C  C   . GLU A 1 64 ? 9.868   1.457   4.451   1.00 65.88  ? 62  GLU A C   1 
ATOM   309 O  O   . GLU A 1 64 ? 10.796  0.758   4.006   1.00 66.84  ? 62  GLU A O   1 
ATOM   310 C  CB  . GLU A 1 64 ? 8.211   2.195   2.678   1.00 64.31  ? 62  GLU A CB  1 
ATOM   311 C  CG  . GLU A 1 64 ? 6.985   1.765   1.877   1.00 63.96  ? 62  GLU A CG  1 
ATOM   312 C  CD  . GLU A 1 64 ? 6.953   2.395   0.474   1.00 65.46  ? 62  GLU A CD  1 
ATOM   313 O  OE1 . GLU A 1 64 ? 7.858   3.210   0.145   1.00 61.88  ? 62  GLU A OE1 1 
ATOM   314 O  OE2 . GLU A 1 64 ? 6.008   2.087   -0.281  1.00 65.43  ? 62  GLU A OE2 1 
ATOM   315 N  N   . GLN A 1 65 ? 10.023  2.319   5.449   1.00 65.62  ? 63  GLN A N   1 
ATOM   316 C  CA  . GLN A 1 65 ? 11.316  2.545   6.070   1.00 66.70  ? 63  GLN A CA  1 
ATOM   317 C  C   . GLN A 1 65 ? 11.606  1.659   7.289   1.00 65.72  ? 63  GLN A C   1 
ATOM   318 O  O   . GLN A 1 65 ? 12.662  1.778   7.900   1.00 65.05  ? 63  GLN A O   1 
ATOM   319 C  CB  . GLN A 1 65 ? 11.487  4.036   6.425   1.00 67.12  ? 63  GLN A CB  1 
ATOM   320 C  CG  . GLN A 1 65 ? 11.437  4.904   5.170   1.00 72.18  ? 63  GLN A CG  1 
ATOM   321 C  CD  . GLN A 1 65 ? 11.558  6.374   5.456   1.00 78.50  ? 63  GLN A CD  1 
ATOM   322 O  OE1 . GLN A 1 65 ? 10.554  7.081   5.565   1.00 80.23  ? 63  GLN A OE1 1 
ATOM   323 N  NE2 . GLN A 1 65 ? 12.803  6.854   5.596   1.00 82.78  ? 63  GLN A NE2 1 
ATOM   324 N  N   . GLY A 1 66 ? 10.675  0.783   7.648   1.00 64.79  ? 64  GLY A N   1 
ATOM   325 C  CA  . GLY A 1 66 ? 10.855  -0.034  8.843   1.00 64.01  ? 64  GLY A CA  1 
ATOM   326 C  C   . GLY A 1 66 ? 10.725  0.735   10.153  1.00 64.10  ? 64  GLY A C   1 
ATOM   327 O  O   . GLY A 1 66 ? 11.197  0.264   11.174  1.00 63.38  ? 64  GLY A O   1 
ATOM   328 N  N   . ARG A 1 67 ? 10.057  1.894   10.144  1.00 63.23  ? 65  ARG A N   1 
ATOM   329 C  CA  . ARG A 1 67 ? 9.881   2.668   11.379  1.00 63.57  ? 65  ARG A CA  1 
ATOM   330 C  C   . ARG A 1 67 ? 8.715   2.171   12.196  1.00 62.22  ? 65  ARG A C   1 
ATOM   331 O  O   . ARG A 1 67 ? 8.612   2.456   13.385  1.00 62.66  ? 65  ARG A O   1 
ATOM   332 C  CB  . ARG A 1 67 ? 9.722   4.147   11.064  1.00 63.95  ? 65  ARG A CB  1 
ATOM   333 C  CG  . ARG A 1 67 ? 10.996  4.707   10.468  1.00 67.98  ? 65  ARG A CG  1 
ATOM   334 C  CD  . ARG A 1 67 ? 10.969  6.152   10.627  1.00 75.15  ? 65  ARG A CD  1 
ATOM   335 N  NE  . ARG A 1 67 ? 10.699  6.866   9.400   1.00 81.56  ? 65  ARG A NE  1 
ATOM   336 C  CZ  . ARG A 1 67 ? 11.566  7.732   8.864   1.00 86.04  ? 65  ARG A CZ  1 
ATOM   337 N  NH1 . ARG A 1 67 ? 12.748  7.978   9.449   1.00 86.25  ? 65  ARG A NH1 1 
ATOM   338 N  NH2 . ARG A 1 67 ? 11.246  8.366   7.743   1.00 88.48  ? 65  ARG A NH2 1 
ATOM   339 N  N   . SER A 1 68 ? 7.827   1.436   11.544  1.00 61.68  ? 66  SER A N   1 
ATOM   340 C  CA  . SER A 1 68 ? 6.729   0.781   12.235  1.00 62.07  ? 66  SER A CA  1 
ATOM   341 C  C   . SER A 1 68 ? 6.266   -0.323  11.281  1.00 62.63  ? 66  SER A C   1 
ATOM   342 O  O   . SER A 1 68 ? 6.725   -0.393  10.136  1.00 62.94  ? 66  SER A O   1 
ATOM   343 C  CB  . SER A 1 68 ? 5.574   1.765   12.534  1.00 61.82  ? 66  SER A CB  1 
ATOM   344 O  OG  . SER A 1 68 ? 5.014   2.150   11.298  1.00 61.93  ? 66  SER A OG  1 
ATOM   345 N  N   . GLU A 1 69 ? 5.314   -1.141  11.716  1.00 63.21  ? 67  GLU A N   1 
ATOM   346 C  CA  . GLU A 1 69 ? 4.786   -2.216  10.871  1.00 64.68  ? 67  GLU A CA  1 
ATOM   347 C  C   . GLU A 1 69 ? 3.260   -2.156  10.854  1.00 63.91  ? 67  GLU A C   1 
ATOM   348 O  O   . GLU A 1 69 ? 2.653   -1.800  11.869  1.00 63.01  ? 67  GLU A O   1 
ATOM   349 C  CB  . GLU A 1 69 ? 5.213   -3.568  11.417  1.00 65.01  ? 67  GLU A CB  1 
ATOM   350 C  CG  . GLU A 1 69 ? 6.708   -3.819  11.215  1.00 73.03  ? 67  GLU A CG  1 
ATOM   351 C  CD  . GLU A 1 69 ? 7.167   -5.167  11.738  1.00 82.50  ? 67  GLU A CD  1 
ATOM   352 O  OE1 . GLU A 1 69 ? 6.509   -5.719  12.660  1.00 86.83  ? 67  GLU A OE1 1 
ATOM   353 O  OE2 . GLU A 1 69 ? 8.211   -5.650  11.240  1.00 86.03  ? 67  GLU A OE2 1 
ATOM   354 N  N   . PRO A 1 70 ? 2.654   -2.525  9.716   1.00 63.82  ? 68  PRO A N   1 
ATOM   355 C  CA  . PRO A 1 70 ? 1.172   -2.581  9.593   1.00 63.82  ? 68  PRO A CA  1 
ATOM   356 C  C   . PRO A 1 70 ? 0.593   -3.540  10.650  1.00 63.31  ? 68  PRO A C   1 
ATOM   357 O  O   . PRO A 1 70 ? 1.174   -4.601  10.899  1.00 63.24  ? 68  PRO A O   1 
ATOM   358 C  CB  . PRO A 1 70 ? 0.951   -3.143  8.165   1.00 62.96  ? 68  PRO A CB  1 
ATOM   359 C  CG  . PRO A 1 70 ? 2.333   -3.740  7.753   1.00 65.18  ? 68  PRO A CG  1 
ATOM   360 C  CD  . PRO A 1 70 ? 3.343   -2.900  8.463   1.00 62.91  ? 68  PRO A CD  1 
ATOM   361 N  N   . ASP A 1 71 ? -0.533  -3.160  11.250  1.00 63.50  ? 69  ASP A N   1 
ATOM   362 C  CA  . ASP A 1 71 ? -1.301  -4.013  12.172  1.00 63.86  ? 69  ASP A CA  1 
ATOM   363 C  C   . ASP A 1 71 ? -2.065  -5.098  11.377  1.00 62.84  ? 69  ASP A C   1 
ATOM   364 O  O   . ASP A 1 71 ? -1.930  -5.180  10.152  1.00 61.88  ? 69  ASP A O   1 
ATOM   365 C  CB  . ASP A 1 71 ? -2.246  -3.171  13.083  1.00 64.88  ? 69  ASP A CB  1 
ATOM   366 C  CG  . ASP A 1 71 ? -3.434  -2.504  12.317  1.00 69.43  ? 69  ASP A CG  1 
ATOM   367 O  OD1 . ASP A 1 71 ? -3.694  -2.730  11.104  1.00 68.23  ? 69  ASP A OD1 1 
ATOM   368 O  OD2 . ASP A 1 71 ? -4.166  -1.715  12.969  1.00 75.21  ? 69  ASP A OD2 1 
ATOM   369 N  N   . GLN A 1 72 ? -2.826  -5.942  12.066  1.00 61.89  ? 70  GLN A N   1 
ATOM   370 C  CA  . GLN A 1 72 ? -3.377  -7.145  11.405  1.00 63.12  ? 70  GLN A CA  1 
ATOM   371 C  C   . GLN A 1 72 ? -4.360  -6.807  10.272  1.00 61.14  ? 70  GLN A C   1 
ATOM   372 O  O   . GLN A 1 72 ? -4.203  -7.365  9.156   1.00 59.85  ? 70  GLN A O   1 
ATOM   373 C  CB  . GLN A 1 72 ? -3.928  -8.207  12.393  1.00 61.62  ? 70  GLN A CB  1 
ATOM   374 C  CG  . GLN A 1 72 ? -4.183  -9.575  11.694  1.00 67.19  ? 70  GLN A CG  1 
ATOM   375 C  CD  . GLN A 1 72 ? -4.890  -10.666 12.548  1.00 67.73  ? 70  GLN A CD  1 
ATOM   376 O  OE1 . GLN A 1 72 ? -5.327  -10.438 13.688  1.00 72.72  ? 70  GLN A OE1 1 
ATOM   377 N  NE2 . GLN A 1 72 ? -4.974  -11.877 11.981  1.00 71.01  ? 70  GLN A NE2 1 
ATOM   378 N  N   . PRO A 1 73 ? -5.337  -5.879  10.532  1.00 59.75  ? 71  PRO A N   1 
ATOM   379 C  CA  . PRO A 1 73 ? -6.263  -5.514  9.421   1.00 59.62  ? 71  PRO A CA  1 
ATOM   380 C  C   . PRO A 1 73 ? -5.506  -4.902  8.254   1.00 59.35  ? 71  PRO A C   1 
ATOM   381 O  O   . PRO A 1 73 ? -5.830  -5.175  7.123   1.00 58.37  ? 71  PRO A O   1 
ATOM   382 C  CB  . PRO A 1 73 ? -7.216  -4.469  10.069  1.00 59.48  ? 71  PRO A CB  1 
ATOM   383 C  CG  . PRO A 1 73 ? -7.155  -4.784  11.525  1.00 58.16  ? 71  PRO A CG  1 
ATOM   384 C  CD  . PRO A 1 73 ? -5.696  -5.148  11.771  1.00 58.83  ? 71  PRO A CD  1 
ATOM   385 N  N   . ALA A 1 74 ? -4.491  -4.081  8.536   1.00 60.16  ? 72  ALA A N   1 
ATOM   386 C  CA  . ALA A 1 74 ? -3.683  -3.509  7.437   1.00 60.26  ? 72  ALA A CA  1 
ATOM   387 C  C   . ALA A 1 74 ? -2.910  -4.539  6.612   1.00 60.71  ? 72  ALA A C   1 
ATOM   388 O  O   . ALA A 1 74 ? -2.817  -4.397  5.379   1.00 60.58  ? 72  ALA A O   1 
ATOM   389 C  CB  . ALA A 1 74 ? -2.735  -2.415  7.994   1.00 60.49  ? 72  ALA A CB  1 
ATOM   390 N  N   . ARG A 1 75 ? -2.339  -5.564  7.267   1.00 59.91  ? 73  ARG A N   1 
ATOM   391 C  CA  . ARG A 1 75 ? -1.655  -6.619  6.538   1.00 59.66  ? 73  ARG A CA  1 
ATOM   392 C  C   . ARG A 1 75 ? -2.621  -7.366  5.653   1.00 58.96  ? 73  ARG A C   1 
ATOM   393 O  O   . ARG A 1 75 ? -2.275  -7.710  4.502   1.00 59.42  ? 73  ARG A O   1 
ATOM   394 C  CB  . ARG A 1 75 ? -0.950  -7.632  7.468   1.00 59.32  ? 73  ARG A CB  1 
ATOM   395 C  CG  . ARG A 1 75 ? 0.188   -6.995  8.266   1.00 62.18  ? 73  ARG A CG  1 
ATOM   396 C  CD  . ARG A 1 75 ? 1.059   -8.049  8.916   1.00 61.67  ? 73  ARG A CD  1 
ATOM   397 N  NE  . ARG A 1 75 ? 0.375   -8.891  9.923   1.00 64.11  ? 73  ARG A NE  1 
ATOM   398 C  CZ  . ARG A 1 75 ? 0.199   -8.576  11.216  1.00 65.16  ? 73  ARG A CZ  1 
ATOM   399 N  NH1 . ARG A 1 75 ? 0.573   -7.386  11.724  1.00 60.14  ? 73  ARG A NH1 1 
ATOM   400 N  NH2 . ARG A 1 75 ? -0.371  -9.464  12.023  1.00 64.64  ? 73  ARG A NH2 1 
ATOM   401 N  N   . ALA A 1 76 ? -3.816  -7.654  6.191   1.00 58.10  ? 74  ALA A N   1 
ATOM   402 C  CA  . ALA A 1 76 ? -4.857  -8.354  5.413   1.00 58.17  ? 74  ALA A CA  1 
ATOM   403 C  C   . ALA A 1 76 ? -5.222  -7.501  4.191   1.00 58.50  ? 74  ALA A C   1 
ATOM   404 O  O   . ALA A 1 76 ? -5.312  -7.993  3.068   1.00 58.08  ? 74  ALA A O   1 
ATOM   405 C  CB  . ALA A 1 76 ? -6.063  -8.620  6.279   1.00 57.19  ? 74  ALA A CB  1 
ATOM   406 N  N   . TYR A 1 77 ? -5.391  -6.200  4.426   1.00 60.08  ? 75  TYR A N   1 
ATOM   407 C  CA  . TYR A 1 77 ? -5.727  -5.249  3.350   1.00 60.23  ? 75  TYR A CA  1 
ATOM   408 C  C   . TYR A 1 77 ? -4.652  -5.221  2.240   1.00 60.23  ? 75  TYR A C   1 
ATOM   409 O  O   . TYR A 1 77 ? -4.971  -5.212  1.060   1.00 60.58  ? 75  TYR A O   1 
ATOM   410 C  CB  . TYR A 1 77 ? -5.932  -3.852  3.967   1.00 60.50  ? 75  TYR A CB  1 
ATOM   411 C  CG  . TYR A 1 77 ? -6.291  -2.773  2.953   1.00 60.67  ? 75  TYR A CG  1 
ATOM   412 C  CD1 . TYR A 1 77 ? -7.170  -3.033  1.896   1.00 60.47  ? 75  TYR A CD1 1 
ATOM   413 C  CD2 . TYR A 1 77 ? -5.771  -1.489  3.083   1.00 62.23  ? 75  TYR A CD2 1 
ATOM   414 C  CE1 . TYR A 1 77 ? -7.484  -2.051  0.983   1.00 61.78  ? 75  TYR A CE1 1 
ATOM   415 C  CE2 . TYR A 1 77 ? -6.085  -0.490  2.182   1.00 61.43  ? 75  TYR A CE2 1 
ATOM   416 C  CZ  . TYR A 1 77 ? -6.939  -0.769  1.143   1.00 62.20  ? 75  TYR A CZ  1 
ATOM   417 O  OH  . TYR A 1 77 ? -7.229  0.213   0.233   1.00 59.09  ? 75  TYR A OH  1 
ATOM   418 N  N   . LEU A 1 78 ? -3.387  -5.168  2.636   1.00 61.17  ? 76  LEU A N   1 
ATOM   419 C  CA  . LEU A 1 78 ? -2.253  -5.210  1.706   1.00 61.61  ? 76  LEU A CA  1 
ATOM   420 C  C   . LEU A 1 78 ? -2.219  -6.473  0.892   1.00 60.93  ? 76  LEU A C   1 
ATOM   421 O  O   . LEU A 1 78 ? -1.865  -6.446  -0.286  1.00 60.68  ? 76  LEU A O   1 
ATOM   422 C  CB  . LEU A 1 78 ? -0.910  -5.068  2.461   1.00 61.96  ? 76  LEU A CB  1 
ATOM   423 C  CG  . LEU A 1 78 ? -0.704  -3.652  2.990   1.00 64.15  ? 76  LEU A CG  1 
ATOM   424 C  CD1 . LEU A 1 78 ? 0.480   -3.539  3.931   1.00 64.83  ? 76  LEU A CD1 1 
ATOM   425 C  CD2 . LEU A 1 78 ? -0.604  -2.621  1.805   1.00 67.89  ? 76  LEU A CD2 1 
ATOM   426 N  N   . LYS A 1 79 ? -2.594  -7.587  1.505   1.00 60.19  ? 77  LYS A N   1 
ATOM   427 C  CA  . LYS A 1 79 ? -2.731  -8.822  0.739   1.00 60.94  ? 77  LYS A CA  1 
ATOM   428 C  C   . LYS A 1 79 ? -3.828  -8.735  -0.337  1.00 60.81  ? 77  LYS A C   1 
ATOM   429 O  O   . LYS A 1 79 ? -3.657  -9.232  -1.462  1.00 59.81  ? 77  LYS A O   1 
ATOM   430 C  CB  . LYS A 1 79 ? -2.941  -10.015 1.667   1.00 61.22  ? 77  LYS A CB  1 
ATOM   431 C  CG  . LYS A 1 79 ? -3.260  -11.302 0.886   1.00 66.98  ? 77  LYS A CG  1 
ATOM   432 C  CD  . LYS A 1 79 ? -2.408  -12.455 1.371   1.00 74.10  ? 77  LYS A CD  1 
ATOM   433 C  CE  . LYS A 1 79 ? -2.472  -13.637 0.397   1.00 76.00  ? 77  LYS A CE  1 
ATOM   434 N  NZ  . LYS A 1 79 ? -2.810  -14.859 1.173   1.00 79.22  ? 77  LYS A NZ  1 
ATOM   435 N  N   . ILE A 1 80 ? -4.949  -8.069  -0.030  1.00 60.30  ? 78  ILE A N   1 
ATOM   436 C  CA  . ILE A 1 80 ? -6.015  -7.937  -1.023  1.00 60.55  ? 78  ILE A CA  1 
ATOM   437 C  C   . ILE A 1 80 ? -5.576  -7.048  -2.162  1.00 59.91  ? 78  ILE A C   1 
ATOM   438 O  O   . ILE A 1 80 ? -5.857  -7.347  -3.329  1.00 60.20  ? 78  ILE A O   1 
ATOM   439 C  CB  . ILE A 1 80 ? -7.341  -7.341  -0.436  1.00 60.90  ? 78  ILE A CB  1 
ATOM   440 C  CG1 . ILE A 1 80 ? -7.761  -8.098  0.823   1.00 61.66  ? 78  ILE A CG1 1 
ATOM   441 C  CG2 . ILE A 1 80 ? -8.426  -7.373  -1.513  1.00 62.42  ? 78  ILE A CG2 1 
ATOM   442 C  CD1 . ILE A 1 80 ? -7.913  -9.560  0.627   1.00 61.51  ? 78  ILE A CD1 1 
ATOM   443 N  N   . ILE A 1 81 ? -4.903  -5.956  -1.823  1.00 60.99  ? 79  ILE A N   1 
ATOM   444 C  CA  . ILE A 1 81 ? -4.347  -5.053  -2.842  1.00 62.40  ? 79  ILE A CA  1 
ATOM   445 C  C   . ILE A 1 81 ? -3.429  -5.853  -3.781  1.00 63.22  ? 79  ILE A C   1 
ATOM   446 O  O   . ILE A 1 81 ? -3.553  -5.786  -5.005  1.00 63.33  ? 79  ILE A O   1 
ATOM   447 C  CB  . ILE A 1 81 ? -3.548  -3.870  -2.203  1.00 62.02  ? 79  ILE A CB  1 
ATOM   448 C  CG1 . ILE A 1 81 ? -4.479  -2.952  -1.405  1.00 63.12  ? 79  ILE A CG1 1 
ATOM   449 C  CG2 . ILE A 1 81 ? -2.763  -3.087  -3.292  1.00 63.09  ? 79  ILE A CG2 1 
ATOM   450 C  CD1 . ILE A 1 81 ? -3.748  -1.922  -0.563  1.00 60.66  ? 79  ILE A CD1 1 
ATOM   451 N  N   . ALA A 1 82 ? -2.507  -6.615  -3.194  1.00 64.33  ? 80  ALA A N   1 
ATOM   452 C  CA  . ALA A 1 82 ? -1.598  -7.468  -3.975  1.00 64.44  ? 80  ALA A CA  1 
ATOM   453 C  C   . ALA A 1 82 ? -2.324  -8.449  -4.911  1.00 65.03  ? 80  ALA A C   1 
ATOM   454 O  O   . ALA A 1 82 ? -1.932  -8.615  -6.089  1.00 64.82  ? 80  ALA A O   1 
ATOM   455 C  CB  . ALA A 1 82 ? -0.648  -8.213  -3.042  1.00 64.13  ? 80  ALA A CB  1 
ATOM   456 N  N   . VAL A 1 83 ? -3.374  -9.107  -4.410  1.00 65.01  ? 81  VAL A N   1 
ATOM   457 C  CA  . VAL A 1 83 ? -4.126  -10.081 -5.211  1.00 65.45  ? 81  VAL A CA  1 
ATOM   458 C  C   . VAL A 1 83 ? -4.937  -9.391  -6.312  1.00 65.49  ? 81  VAL A C   1 
ATOM   459 O  O   . VAL A 1 83 ? -5.044  -9.914  -7.419  1.00 65.29  ? 81  VAL A O   1 
ATOM   460 C  CB  . VAL A 1 83 ? -5.032  -11.010 -4.331  1.00 64.86  ? 81  VAL A CB  1 
ATOM   461 C  CG1 . VAL A 1 83 ? -5.912  -11.914 -5.184  1.00 66.65  ? 81  VAL A CG1 1 
ATOM   462 C  CG2 . VAL A 1 83 ? -4.176  -11.857 -3.415  1.00 66.21  ? 81  VAL A CG2 1 
ATOM   463 N  N   . ASP A 1 84 ? -5.503  -8.225  -6.012  1.00 65.81  ? 82  ASP A N   1 
ATOM   464 C  CA  . ASP A 1 84 ? -6.351  -7.506  -6.966  1.00 66.82  ? 82  ASP A CA  1 
ATOM   465 C  C   . ASP A 1 84 ? -6.230  -5.993  -6.859  1.00 66.93  ? 82  ASP A C   1 
ATOM   466 O  O   . ASP A 1 84 ? -7.112  -5.335  -6.281  1.00 66.44  ? 82  ASP A O   1 
ATOM   467 C  CB  . ASP A 1 84 ? -7.813  -7.895  -6.819  1.00 67.26  ? 82  ASP A CB  1 
ATOM   468 C  CG  . ASP A 1 84 ? -8.674  -7.386  -7.992  1.00 70.93  ? 82  ASP A CG  1 
ATOM   469 O  OD1 . ASP A 1 84 ? -8.125  -6.925  -9.029  1.00 71.17  ? 82  ASP A OD1 1 
ATOM   470 O  OD2 . ASP A 1 84 ? -9.910  -7.451  -7.870  1.00 77.25  ? 82  ASP A OD2 1 
ATOM   471 N  N   . PRO A 1 85 ? -5.152  -5.434  -7.432  1.00 67.33  ? 83  PRO A N   1 
ATOM   472 C  CA  . PRO A 1 85 ? -4.839  -4.010  -7.300  1.00 67.65  ? 83  PRO A CA  1 
ATOM   473 C  C   . PRO A 1 85 ? -5.877  -3.127  -7.968  1.00 67.73  ? 83  PRO A C   1 
ATOM   474 O  O   . PRO A 1 85 ? -6.267  -2.093  -7.415  1.00 66.73  ? 83  PRO A O   1 
ATOM   475 C  CB  . PRO A 1 85 ? -3.481  -3.876  -8.012  1.00 67.64  ? 83  PRO A CB  1 
ATOM   476 C  CG  . PRO A 1 85 ? -2.996  -5.248  -8.232  1.00 68.69  ? 83  PRO A CG  1 
ATOM   477 C  CD  . PRO A 1 85 ? -4.140  -6.163  -8.219  1.00 67.17  ? 83  PRO A CD  1 
ATOM   478 N  N   . GLU A 1 86 ? -6.342  -3.567  -9.136  1.00 67.75  ? 84  GLU A N   1 
ATOM   479 C  CA  A GLU A 1 86 ? -7.319  -2.811  -9.897  0.50 68.22  ? 84  GLU A CA  1 
ATOM   480 C  CA  B GLU A 1 86 ? -7.321  -2.837  -9.924  0.50 68.14  ? 84  GLU A CA  1 
ATOM   481 C  C   . GLU A 1 86 ? -8.710  -2.916  -9.299  1.00 67.72  ? 84  GLU A C   1 
ATOM   482 O  O   . GLU A 1 86 ? -9.393  -1.907  -9.155  1.00 67.66  ? 84  GLU A O   1 
ATOM   483 C  CB  A GLU A 1 86 ? -7.339  -3.251  -11.365 0.50 68.47  ? 84  GLU A CB  1 
ATOM   484 C  CB  B GLU A 1 86 ? -7.371  -3.399  -11.351 0.50 68.30  ? 84  GLU A CB  1 
ATOM   485 C  CG  A GLU A 1 86 ? -5.989  -3.106  -12.061 0.50 71.80  ? 84  GLU A CG  1 
ATOM   486 C  CG  B GLU A 1 86 ? -6.003  -3.814  -11.927 0.50 71.20  ? 84  GLU A CG  1 
ATOM   487 C  CD  A GLU A 1 86 ? -5.598  -1.660  -12.316 0.50 75.83  ? 84  GLU A CD  1 
ATOM   488 C  CD  B GLU A 1 86 ? -5.411  -5.094  -11.302 0.50 74.08  ? 84  GLU A CD  1 
ATOM   489 O  OE1 A GLU A 1 86 ? -4.393  -1.402  -12.546 0.50 77.20  ? 84  GLU A OE1 1 
ATOM   490 O  OE1 B GLU A 1 86 ? -6.142  -5.840  -10.579 0.50 72.96  ? 84  GLU A OE1 1 
ATOM   491 O  OE2 A GLU A 1 86 ? -6.495  -0.785  -12.299 0.50 77.32  ? 84  GLU A OE2 1 
ATOM   492 O  OE2 B GLU A 1 86 ? -4.195  -5.349  -11.547 0.50 76.44  ? 84  GLU A OE2 1 
ATOM   493 N  N   . GLY A 1 87 ? -9.132  -4.132  -8.953  1.00 67.31  ? 85  GLY A N   1 
ATOM   494 C  CA  . GLY A 1 87 ? -10.449 -4.329  -8.337  1.00 66.48  ? 85  GLY A CA  1 
ATOM   495 C  C   . GLY A 1 87 ? -10.527 -3.558  -7.035  1.00 65.75  ? 85  GLY A C   1 
ATOM   496 O  O   . GLY A 1 87 ? -11.535 -2.904  -6.757  1.00 64.81  ? 85  GLY A O   1 
ATOM   497 N  N   . THR A 1 88 ? -9.437  -3.600  -6.258  1.00 65.05  ? 86  THR A N   1 
ATOM   498 C  CA  . THR A 1 88 ? -9.387  -2.898  -4.980  1.00 65.30  ? 86  THR A CA  1 
ATOM   499 C  C   . THR A 1 88 ? -9.499  -1.380  -5.185  1.00 65.01  ? 86  THR A C   1 
ATOM   500 O  O   . THR A 1 88 ? -10.300 -0.719  -4.526  1.00 64.64  ? 86  THR A O   1 
ATOM   501 C  CB  . THR A 1 88 ? -8.130  -3.292  -4.140  1.00 64.91  ? 86  THR A CB  1 
ATOM   502 O  OG1 . THR A 1 88 ? -8.146  -4.708  -3.926  1.00 65.77  ? 86  THR A OG1 1 
ATOM   503 C  CG2 . THR A 1 88 ? -8.135  -2.593  -2.788  1.00 65.45  ? 86  THR A CG2 1 
ATOM   504 N  N   . ALA A 1 89 ? -8.701  -0.850  -6.108  1.00 64.78  ? 87  ALA A N   1 
ATOM   505 C  CA  . ALA A 1 89 ? -8.695  0.575   -6.404  1.00 65.71  ? 87  ALA A CA  1 
ATOM   506 C  C   . ALA A 1 89 ? -10.074 1.038   -6.888  1.00 66.28  ? 87  ALA A C   1 
ATOM   507 O  O   . ALA A 1 89 ? -10.557 2.080   -6.461  1.00 66.75  ? 87  ALA A O   1 
ATOM   508 C  CB  . ALA A 1 89 ? -7.625  0.892   -7.447  1.00 65.77  ? 87  ALA A CB  1 
ATOM   509 N  N   . ALA A 1 90 ? -10.701 0.243   -7.758  1.00 67.59  ? 88  ALA A N   1 
ATOM   510 C  CA  . ALA A 1 90 ? -12.031 0.557   -8.313  1.00 68.45  ? 88  ALA A CA  1 
ATOM   511 C  C   . ALA A 1 90 ? -13.116 0.556   -7.239  1.00 69.57  ? 88  ALA A C   1 
ATOM   512 O  O   . ALA A 1 90 ? -13.986 1.437   -7.218  1.00 69.74  ? 88  ALA A O   1 
ATOM   513 C  CB  . ALA A 1 90 ? -12.384 -0.407  -9.443  1.00 68.08  ? 88  ALA A CB  1 
ATOM   514 N  N   . ALA A 1 91 ? -13.045 -0.413  -6.328  1.00 70.88  ? 89  ALA A N   1 
ATOM   515 C  CA  . ALA A 1 91 ? -14.003 -0.501  -5.212  1.00 71.64  ? 89  ALA A CA  1 
ATOM   516 C  C   . ALA A 1 91 ? -13.972 0.730   -4.307  1.00 72.33  ? 89  ALA A C   1 
ATOM   517 O  O   . ALA A 1 91 ? -14.994 1.109   -3.730  1.00 73.24  ? 89  ALA A O   1 
ATOM   518 C  CB  . ALA A 1 91 ? -13.757 -1.762  -4.405  1.00 71.57  ? 89  ALA A CB  1 
ATOM   519 N  N   . LEU A 1 92 ? -12.807 1.355   -4.182  1.00 72.57  ? 90  LEU A N   1 
ATOM   520 C  CA  . LEU A 1 92 ? -12.664 2.542   -3.339  1.00 72.88  ? 90  LEU A CA  1 
ATOM   521 C  C   . LEU A 1 92 ? -13.115 3.841   -4.007  1.00 74.35  ? 90  LEU A C   1 
ATOM   522 O  O   . LEU A 1 92 ? -13.291 4.853   -3.316  1.00 74.40  ? 90  LEU A O   1 
ATOM   523 C  CB  . LEU A 1 92 ? -11.221 2.679   -2.819  1.00 71.80  ? 90  LEU A CB  1 
ATOM   524 C  CG  . LEU A 1 92 ? -10.718 1.565   -1.914  1.00 69.87  ? 90  LEU A CG  1 
ATOM   525 C  CD1 . LEU A 1 92 ? -9.227  1.759   -1.606  1.00 68.65  ? 90  LEU A CD1 1 
ATOM   526 C  CD2 . LEU A 1 92 ? -11.533 1.499   -0.624  1.00 65.78  ? 90  LEU A CD2 1 
ATOM   527 N  N   . ARG A 1 93 ? -13.280 3.804   -5.335  1.00 76.02  ? 91  ARG A N   1 
ATOM   528 C  CA  . ARG A 1 93 ? -13.860 4.904   -6.126  1.00 78.61  ? 91  ARG A CA  1 
ATOM   529 C  C   . ARG A 1 93 ? -15.361 4.700   -6.337  1.00 78.62  ? 91  ARG A C   1 
ATOM   530 O  O   . ARG A 1 93 ? -16.172 5.063   -5.484  1.00 80.04  ? 91  ARG A O   1 
ATOM   531 C  CB  . ARG A 1 93 ? -13.206 4.997   -7.508  1.00 78.37  ? 91  ARG A CB  1 
ATOM   532 C  CG  . ARG A 1 93 ? -11.737 5.379   -7.516  1.00 80.03  ? 91  ARG A CG  1 
ATOM   533 C  CD  . ARG A 1 93 ? -11.276 5.667   -8.952  1.00 81.07  ? 91  ARG A CD  1 
ATOM   534 N  NE  . ARG A 1 93 ? -11.101 4.455   -9.766  1.00 86.16  ? 91  ARG A NE  1 
ATOM   535 C  CZ  . ARG A 1 93 ? -9.955  3.774   -9.905  1.00 87.30  ? 91  ARG A CZ  1 
ATOM   536 N  NH1 . ARG A 1 93 ? -9.932  2.691   -10.675 1.00 88.17  ? 91  ARG A NH1 1 
ATOM   537 N  NH2 . ARG A 1 93 ? -8.835  4.160   -9.286  1.00 88.23  ? 91  ARG A NH2 1 
HETATM 538 S  S   . SO4 B 2 .  ? 10.333  4.979   -5.348  1.00 56.26  ? 101 SO4 A S   1 
HETATM 539 O  O1  . SO4 B 2 .  ? 11.549  5.723   -5.618  1.00 59.86  ? 101 SO4 A O1  1 
HETATM 540 O  O2  . SO4 B 2 .  ? 10.499  4.460   -4.004  1.00 56.08  ? 101 SO4 A O2  1 
HETATM 541 O  O3  . SO4 B 2 .  ? 9.168   5.815   -5.592  1.00 57.16  ? 101 SO4 A O3  1 
HETATM 542 O  O4  . SO4 B 2 .  ? 10.139  3.855   -6.263  1.00 59.95  ? 101 SO4 A O4  1 
HETATM 543 S  S   . SO4 C 2 .  ? 13.126  11.583  6.854   1.00 93.41  ? 102 SO4 A S   1 
HETATM 544 O  O1  . SO4 C 2 .  ? 13.031  12.992  7.250   1.00 93.26  ? 102 SO4 A O1  1 
HETATM 545 O  O2  . SO4 C 2 .  ? 13.953  10.854  7.820   1.00 93.83  ? 102 SO4 A O2  1 
HETATM 546 O  O3  . SO4 C 2 .  ? 11.805  10.964  6.803   1.00 93.93  ? 102 SO4 A O3  1 
HETATM 547 O  O4  . SO4 C 2 .  ? 13.704  11.492  5.519   1.00 93.92  ? 102 SO4 A O4  1 
HETATM 548 S  S   . SO4 D 2 .  ? 5.455   -1.529  15.594  1.00 66.51  ? 103 SO4 A S   1 
HETATM 549 O  O1  . SO4 D 2 .  ? 6.554   -0.725  16.141  1.00 69.46  ? 103 SO4 A O1  1 
HETATM 550 O  O2  . SO4 D 2 .  ? 4.473   -1.852  16.626  1.00 65.84  ? 103 SO4 A O2  1 
HETATM 551 O  O3  . SO4 D 2 .  ? 4.771   -0.811  14.522  1.00 62.09  ? 103 SO4 A O3  1 
HETATM 552 O  O4  . SO4 D 2 .  ? 6.100   -2.756  15.119  1.00 68.86  ? 103 SO4 A O4  1 
HETATM 553 S  S   . SO4 E 2 .  ? -1.552  -12.479 10.175  0.80 71.71  ? 104 SO4 A S   1 
HETATM 554 O  O1  . SO4 E 2 .  ? -1.227  -11.452 9.175   0.80 69.83  ? 104 SO4 A O1  1 
HETATM 555 O  O2  . SO4 E 2 .  ? -1.058  -12.061 11.485  0.80 70.74  ? 104 SO4 A O2  1 
HETATM 556 O  O3  . SO4 E 2 .  ? -2.992  -12.717 10.293  0.80 71.11  ? 104 SO4 A O3  1 
HETATM 557 O  O4  . SO4 E 2 .  ? -0.914  -13.722 9.758   0.80 71.62  ? 104 SO4 A O4  1 
HETATM 558 S  S   . SO4 F 2 .  ? 15.823  1.504   -2.054  1.00 111.91 ? 106 SO4 A S   1 
HETATM 559 O  O1  . SO4 F 2 .  ? 14.994  2.621   -1.609  1.00 111.99 ? 106 SO4 A O1  1 
HETATM 560 O  O2  . SO4 F 2 .  ? 17.171  1.664   -1.506  1.00 112.27 ? 106 SO4 A O2  1 
HETATM 561 O  O3  . SO4 F 2 .  ? 15.245  0.244   -1.579  1.00 111.62 ? 106 SO4 A O3  1 
HETATM 562 O  O4  . SO4 F 2 .  ? 15.891  1.501   -3.517  1.00 112.05 ? 106 SO4 A O4  1 
HETATM 563 S  S   . SO4 G 2 .  ? -2.161  3.375   -13.502 1.00 104.89 ? 107 SO4 A S   1 
HETATM 564 O  O1  . SO4 G 2 .  ? -1.593  4.719   -13.359 1.00 104.00 ? 107 SO4 A O1  1 
HETATM 565 O  O2  . SO4 G 2 .  ? -1.585  2.468   -12.511 1.00 104.14 ? 107 SO4 A O2  1 
HETATM 566 O  O3  . SO4 G 2 .  ? -3.613  3.432   -13.338 1.00 105.08 ? 107 SO4 A O3  1 
HETATM 567 O  O4  . SO4 G 2 .  ? -1.879  2.852   -14.836 1.00 105.22 ? 107 SO4 A O4  1 
HETATM 568 C  C1  . GOL H 3 .  ? -4.407  8.075   -9.000  1.00 110.99 ? 201 GOL A C1  1 
HETATM 569 O  O1  . GOL H 3 .  ? -3.098  7.801   -8.545  1.00 110.16 ? 201 GOL A O1  1 
HETATM 570 C  C2  . GOL H 3 .  ? -5.421  7.417   -8.066  1.00 110.71 ? 201 GOL A C2  1 
HETATM 571 O  O2  . GOL H 3 .  ? -5.921  8.373   -7.152  1.00 110.63 ? 201 GOL A O2  1 
HETATM 572 C  C3  . GOL H 3 .  ? -6.570  6.809   -8.869  1.00 110.51 ? 201 GOL A C3  1 
HETATM 573 O  O3  . GOL H 3 .  ? -7.479  6.157   -8.001  1.00 109.76 ? 201 GOL A O3  1 
HETATM 574 C  C1  . GOL I 3 .  ? 4.529   -8.968  7.173   1.00 112.20 ? 202 GOL A C1  1 
HETATM 575 O  O1  . GOL I 3 .  ? 4.389   -7.606  6.834   1.00 111.17 ? 202 GOL A O1  1 
HETATM 576 C  C2  . GOL I 3 .  ? 3.958   -9.799  6.031   1.00 112.82 ? 202 GOL A C2  1 
HETATM 577 O  O2  . GOL I 3 .  ? 4.904   -10.738 5.560   1.00 113.27 ? 202 GOL A O2  1 
HETATM 578 C  C3  . GOL I 3 .  ? 2.648   -10.477 6.425   1.00 112.72 ? 202 GOL A C3  1 
HETATM 579 O  O3  . GOL I 3 .  ? 1.612   -10.044 5.566   1.00 112.14 ? 202 GOL A O3  1 
HETATM 580 O  O   . HOH J 4 .  ? -2.214  10.948  3.181   1.00 41.87  ? 203 HOH A O   1 
HETATM 581 O  O   . HOH J 4 .  ? 5.509   12.085  5.688   1.00 37.35  ? 204 HOH A O   1 
HETATM 582 O  O   . HOH J 4 .  ? 10.247  9.925   5.033   1.00 50.79  ? 205 HOH A O   1 
HETATM 583 O  O   . HOH J 4 .  ? 3.521   4.465   11.625  1.00 35.64  ? 206 HOH A O   1 
HETATM 584 O  O   . HOH J 4 .  ? 7.625   -2.052  7.970   1.00 35.74  ? 207 HOH A O   1 
HETATM 585 O  O   . HOH J 4 .  ? -1.409  -0.422  11.201  1.00 36.18  ? 208 HOH A O   1 
HETATM 586 O  O   . HOH J 4 .  ? 4.312   -4.069  4.468   1.00 36.86  ? 209 HOH A O   1 
HETATM 587 O  O   . HOH J 4 .  ? -9.086  4.336   -5.420  1.00 45.83  ? 210 HOH A O   1 
HETATM 588 O  O   . HOH J 4 .  ? -3.185  -6.036  14.777  1.00 38.06  ? 211 HOH A O   1 
HETATM 589 O  O   . HOH J 4 .  ? 6.824   -6.875  5.446   1.00 51.70  ? 212 HOH A O   1 
HETATM 590 O  O   . HOH J 4 .  ? -10.183 6.409   -4.065  1.00 54.83  ? 213 HOH A O   1 
HETATM 591 O  O   . HOH J 4 .  ? 7.268   3.048   -8.071  1.00 48.64  ? 214 HOH A O   1 
HETATM 592 O  O   . HOH J 4 .  ? -3.582  -10.193 8.421   1.00 49.68  ? 215 HOH A O   1 
HETATM 593 O  O   . HOH J 4 .  ? 7.152   10.455  -1.903  1.00 53.07  ? 216 HOH A O   1 
HETATM 594 O  O   . HOH J 4 .  ? 7.535   1.640   15.689  1.00 48.16  ? 217 HOH A O   1 
HETATM 595 O  O   . HOH J 4 .  ? 6.008   -4.035  6.760   1.00 46.31  ? 218 HOH A O   1 
HETATM 596 O  O   . HOH J 4 .  ? -10.547 -6.369  -4.237  1.00 56.64  ? 219 HOH A O   1 
HETATM 597 O  O   . HOH J 4 .  ? 3.665   -6.418  10.286  1.00 61.73  ? 220 HOH A O   1 
HETATM 598 O  O   . HOH J 4 .  ? 1.442   1.226   11.763  1.00 44.98  ? 221 HOH A O   1 
HETATM 599 O  O   . HOH J 4 .  ? 10.408  3.824   0.611   1.00 45.06  ? 222 HOH A O   1 
HETATM 600 O  O   . HOH J 4 .  ? -5.718  -0.964  9.563   0.50 49.36  ? 223 HOH A O   1 
HETATM 601 O  O   . HOH J 4 .  ? -4.965  -4.662  16.106  1.00 49.85  ? 224 HOH A O   1 
HETATM 602 O  O   . HOH J 4 .  ? -6.717  -2.189  7.079   0.50 42.33  ? 225 HOH A O   1 
HETATM 603 O  O   . HOH J 4 .  ? -6.417  -3.240  14.723  1.00 51.42  ? 226 HOH A O   1 
HETATM 604 O  O   . HOH J 4 .  ? 9.952   4.491   14.716  1.00 49.67  ? 227 HOH A O   1 
HETATM 605 O  O   . HOH J 4 .  ? 7.496   7.742   -4.377  1.00 46.70  ? 228 HOH A O   1 
HETATM 606 O  O   . HOH J 4 .  ? -3.538  0.143   -9.013  1.00 47.70  ? 229 HOH A O   1 
HETATM 607 O  O   . HOH J 4 .  ? -8.906  0.150   -10.897 1.00 62.73  ? 230 HOH A O   1 
HETATM 608 O  O   . HOH J 4 .  ? 3.148   11.244  -7.327  1.00 56.96  ? 231 HOH A O   1 
HETATM 609 O  O   . HOH J 4 .  ? 13.067  -0.618  4.818   1.00 60.35  ? 232 HOH A O   1 
HETATM 610 O  O   . HOH J 4 .  ? -6.749  -1.200  12.234  1.00 49.56  ? 233 HOH A O   1 
HETATM 611 O  O   . HOH J 4 .  ? 6.956   5.006   -10.001 1.00 64.65  ? 234 HOH A O   1 
HETATM 612 O  O   . HOH J 4 .  ? 9.069   -1.612  13.094  1.00 62.38  ? 235 HOH A O   1 
HETATM 613 O  O   . HOH J 4 .  ? 4.025   6.409   -11.187 1.00 59.74  ? 236 HOH A O   1 
HETATM 614 O  O   . HOH J 4 .  ? -4.808  8.808   1.808   1.00 69.91  ? 237 HOH A O   1 
HETATM 615 O  O   . HOH J 4 .  ? 12.933  3.847   13.870  1.00 74.07  ? 238 HOH A O   1 
HETATM 616 O  O   . HOH J 4 .  ? 12.343  -2.730  7.344   1.00 65.35  ? 239 HOH A O   1 
HETATM 617 O  O   . HOH J 4 .  ? -2.203  -1.257  -10.911 1.00 59.30  ? 240 HOH A O   1 
HETATM 618 O  O   . HOH J 4 .  ? 10.101  -3.266  11.071  1.00 71.00  ? 241 HOH A O   1 
HETATM 619 O  O   . HOH J 4 .  ? 2.204   -4.510  13.797  1.00 49.42  ? 242 HOH A O   1 
HETATM 620 O  O   . HOH J 4 .  ? -0.395  3.776   11.264  1.00 56.36  ? 243 HOH A O   1 
HETATM 621 O  O   . HOH J 4 .  ? -7.411  9.070   -1.063  1.00 63.21  ? 244 HOH A O   1 
HETATM 622 O  O   . HOH J 4 .  ? 12.312  2.431   2.119   1.00 56.35  ? 245 HOH A O   1 
HETATM 623 O  O   . HOH J 4 .  ? 9.816   -3.734  8.406   1.00 54.96  ? 246 HOH A O   1 
HETATM 624 O  O   . HOH J 4 .  ? 11.352  5.298   -1.475  1.00 57.69  ? 247 HOH A O   1 
HETATM 625 O  O   . HOH J 4 .  ? -3.058  -11.388 6.185   1.00 60.02  ? 248 HOH A O   1 
HETATM 626 O  O   . HOH J 4 .  ? -2.494  10.595  -7.110  1.00 62.38  ? 249 HOH A O   1 
HETATM 627 O  O   . HOH J 4 .  ? 8.078   10.327  -6.013  1.00 71.22  ? 250 HOH A O   1 
HETATM 628 O  O   . HOH J 4 .  ? 3.466   -11.068 9.607   1.00 69.48  ? 251 HOH A O   1 
HETATM 629 O  O   . HOH J 4 .  ? 14.024  4.800   -1.396  1.00 65.37  ? 252 HOH A O   1 
HETATM 630 O  O   . HOH J 4 .  ? 9.885   -6.135  6.836   1.00 69.09  ? 253 HOH A O   1 
HETATM 631 O  O   . HOH J 4 .  ? 8.653   7.972   7.952   1.00 38.20  ? 254 HOH A O   1 
HETATM 632 O  O   . HOH J 4 .  ? 14.831  5.203   9.328   1.00 74.98  ? 255 HOH A O   1 
HETATM 633 O  O   . HOH J 4 .  ? 0.432   -8.086  3.880   1.00 45.69  ? 256 HOH A O   1 
HETATM 634 O  O   . HOH J 4 .  ? -0.354  -11.610 6.510   1.00 80.91  ? 257 HOH A O   1 
HETATM 635 O  O   . HOH J 4 .  ? -0.984  11.355  -1.569  1.00 69.36  ? 258 HOH A O   1 
HETATM 636 O  O   . HOH J 4 .  ? -6.059  1.258   -10.678 1.00 65.63  ? 259 HOH A O   1 
HETATM 637 O  O   . HOH J 4 .  ? -1.930  -12.703 14.173  1.00 64.33  ? 260 HOH A O   1 
HETATM 638 O  O   . HOH J 4 .  ? 16.032  3.936   -4.716  1.00 83.94  ? 261 HOH A O   1 
HETATM 639 O  O   . HOH J 4 .  ? 8.344   0.577   -10.113 0.50 35.11  ? 262 HOH A O   1 
HETATM 640 O  O   . HOH J 4 .  ? 10.147  6.679   2.178   1.00 52.53  ? 263 HOH A O   1 
HETATM 641 O  O   . HOH J 4 .  ? 0.833   -8.712  1.154   1.00 63.39  ? 264 HOH A O   1 
HETATM 642 O  O   . HOH J 4 .  ? 2.569   -6.264  5.016   1.00 51.32  ? 265 HOH A O   1 
HETATM 643 O  O   . HOH J 4 .  ? 5.222   -6.098  8.464   1.00 71.50  ? 266 HOH A O   1 
HETATM 644 O  O   . HOH J 4 .  ? 1.601   -1.696  14.706  1.00 75.26  ? 267 HOH A O   1 
HETATM 645 O  O   . HOH J 4 .  ? 7.780   -14.757 -2.015  1.00 86.87  ? 268 HOH A O   1 
HETATM 646 O  O   . HOH J 4 .  ? 9.296   13.985  3.996   0.50 72.62  ? 269 HOH A O   1 
HETATM 647 O  O   . HOH J 4 .  ? -19.305 6.426   -5.358  1.00 77.04  ? 270 HOH A O   1 
# 
